data_1PNV
#
_entry.id   1PNV
#
_cell.length_a   153.170
_cell.length_b   153.170
_cell.length_c   100.640
_cell.angle_alpha   90.00
_cell.angle_beta   90.00
_cell.angle_gamma   120.00
#
_symmetry.space_group_name_H-M   'P 32 2 1'
#
loop_
_entity.id
_entity.type
_entity.pdbx_description
1 polymer 'GLYCOSYLTRANSFERASE GTFA'
2 polymer VANCOMYCIN
3 branched vancosamine-(1-2)-beta-D-glucopyranose
4 non-polymer "THYMIDINE-5'-DIPHOSPHATE"
5 water water
#
loop_
_entity_poly.entity_id
_entity_poly.type
_entity_poly.pdbx_seq_one_letter_code
_entity_poly.pdbx_strand_id
1 'polypeptide(L)'
;MRVLITGCGSRGDTEPLVALAARLRELGADARMCLPPDYVERCAEVGVPMVPVGRAVRAGAREPGELPPGAAEVVTEVVA
EWFDKVPAAIEGCDAVVTTGLLPAAVAVRSMAEKLGIPYRYTVLSPDHLPSEQSQAERDMYNQGADRLFGDAVNSHRASI
GLPPVEHLYDYGYTDQPWLAADPVLSPLRPTDLGTVQTGAWILPDERPLSAELEAFLAAGSTPVYVGFGSSSRPATADAA
KMAIKAVRASGRRIVLSRGWADLVLPDDGADCFVVGEVNLQELFGRVAAAIHHDSAGTTLLAMRAGIPQIVVRRVVDNVV
EQAYHADRVAELGVGVAVDGPVPTIDSLSAALDTALAPEIRARATTVADTIRADGTTVAAQLLFDAVSLEKPTVPALEHH
HHHH
;
A,B
2 'polypeptide(L)' (MLU)(OMZ)N(GHP)(GHP)(OMY)(3FG) C
#
loop_
_chem_comp.id
_chem_comp.type
_chem_comp.name
_chem_comp.formula
BGC D-saccharide, beta linking beta-D-glucopyranose 'C6 H12 O6'
RER L-saccharide, alpha linking vancosamine 'C7 H15 N O3'
TYD non-polymer THYMIDINE-5'-DIPHOSPHATE 'C10 H16 N2 O11 P2'
#
# COMPACT_ATOMS: atom_id res chain seq x y z
N MET A 1 4.62 -14.84 -8.09
CA MET A 1 5.61 -13.97 -8.79
C MET A 1 6.77 -13.60 -7.89
N ARG A 2 7.91 -14.27 -8.04
CA ARG A 2 9.07 -13.93 -7.23
C ARG A 2 9.77 -12.76 -7.89
N VAL A 3 10.18 -11.79 -7.08
CA VAL A 3 10.89 -10.64 -7.60
C VAL A 3 12.16 -10.55 -6.78
N LEU A 4 13.29 -10.34 -7.45
CA LEU A 4 14.54 -10.19 -6.72
C LEU A 4 14.87 -8.72 -6.74
N ILE A 5 15.12 -8.15 -5.57
CA ILE A 5 15.47 -6.75 -5.48
C ILE A 5 16.90 -6.64 -4.95
N THR A 6 17.71 -5.83 -5.61
CA THR A 6 19.11 -5.70 -5.22
C THR A 6 19.71 -4.31 -5.37
N GLY A 7 20.86 -4.14 -4.72
CA GLY A 7 21.56 -2.88 -4.78
C GLY A 7 22.70 -2.81 -3.79
N CYS A 8 23.57 -1.85 -4.00
CA CYS A 8 24.71 -1.60 -3.12
C CYS A 8 24.74 -0.09 -3.03
N GLY A 9 24.57 0.43 -1.82
CA GLY A 9 24.56 1.87 -1.64
C GLY A 9 24.25 2.24 -0.20
N SER A 10 24.21 3.53 0.08
CA SER A 10 23.93 4.01 1.44
C SER A 10 22.56 3.55 1.87
N ARG A 11 22.14 3.96 3.07
CA ARG A 11 20.83 3.55 3.54
C ARG A 11 19.69 4.11 2.68
N GLY A 12 19.91 5.27 2.06
CA GLY A 12 18.90 5.88 1.21
C GLY A 12 18.66 5.15 -0.10
N ASP A 13 19.65 4.38 -0.55
CA ASP A 13 19.52 3.64 -1.78
C ASP A 13 18.92 2.27 -1.47
N THR A 14 18.89 1.94 -0.19
CA THR A 14 18.38 0.64 0.24
C THR A 14 16.97 0.68 0.80
N GLU A 15 16.70 1.58 1.74
CA GLU A 15 15.38 1.67 2.34
C GLU A 15 14.23 1.61 1.32
N PRO A 16 14.34 2.31 0.20
CA PRO A 16 13.25 2.26 -0.79
C PRO A 16 13.09 0.86 -1.37
N LEU A 17 14.21 0.16 -1.57
CA LEU A 17 14.17 -1.21 -2.10
C LEU A 17 13.52 -2.16 -1.08
N VAL A 18 13.85 -1.97 0.20
CA VAL A 18 13.27 -2.80 1.24
C VAL A 18 11.77 -2.55 1.31
N ALA A 19 11.35 -1.37 0.83
CA ALA A 19 9.94 -0.99 0.83
C ALA A 19 9.18 -1.71 -0.28
N LEU A 20 9.80 -1.80 -1.45
CA LEU A 20 9.17 -2.48 -2.57
C LEU A 20 9.06 -3.96 -2.27
N ALA A 21 10.08 -4.50 -1.60
CA ALA A 21 10.09 -5.92 -1.25
C ALA A 21 9.01 -6.23 -0.23
N ALA A 22 8.92 -5.41 0.82
CA ALA A 22 7.92 -5.60 1.87
C ALA A 22 6.52 -5.46 1.29
N ARG A 23 6.35 -4.52 0.37
CA ARG A 23 5.06 -4.28 -0.28
C ARG A 23 4.66 -5.45 -1.18
N LEU A 24 5.64 -5.97 -1.90
CA LEU A 24 5.38 -7.09 -2.77
C LEU A 24 4.91 -8.27 -1.93
N ARG A 25 5.61 -8.55 -0.85
CA ARG A 25 5.22 -9.67 0.01
C ARG A 25 3.87 -9.42 0.67
N GLU A 26 3.50 -8.15 0.82
CA GLU A 26 2.22 -7.82 1.45
C GLU A 26 1.08 -8.04 0.45
N LEU A 27 1.39 -7.87 -0.82
CA LEU A 27 0.42 -8.03 -1.89
C LEU A 27 0.17 -9.49 -2.27
N GLY A 28 1.06 -10.38 -1.84
CA GLY A 28 0.89 -11.79 -2.18
C GLY A 28 2.06 -12.30 -3.01
N ALA A 29 2.76 -11.38 -3.67
CA ALA A 29 3.91 -11.74 -4.46
C ALA A 29 5.01 -12.13 -3.47
N ASP A 30 6.17 -12.53 -3.95
CA ASP A 30 7.25 -12.85 -3.02
C ASP A 30 8.44 -11.95 -3.38
N ALA A 31 9.37 -11.76 -2.46
CA ALA A 31 10.51 -10.93 -2.76
C ALA A 31 11.71 -11.51 -2.08
N ARG A 32 12.89 -11.19 -2.59
CA ARG A 32 14.15 -11.66 -2.03
C ARG A 32 15.12 -10.53 -2.29
N MET A 33 16.11 -10.38 -1.43
CA MET A 33 17.05 -9.29 -1.62
C MET A 33 18.51 -9.67 -1.52
N CYS A 34 19.33 -8.97 -2.31
CA CYS A 34 20.77 -9.13 -2.31
C CYS A 34 21.27 -7.73 -1.95
N LEU A 35 21.70 -7.57 -0.70
CA LEU A 35 22.17 -6.29 -0.21
C LEU A 35 23.49 -6.38 0.58
N PRO A 36 24.22 -5.27 0.67
CA PRO A 36 25.48 -5.29 1.43
C PRO A 36 25.18 -5.64 2.89
N PRO A 37 26.08 -6.42 3.53
CA PRO A 37 25.98 -6.88 4.92
C PRO A 37 25.35 -5.94 5.95
N ASP A 38 25.47 -4.64 5.71
CA ASP A 38 24.93 -3.63 6.61
C ASP A 38 23.43 -3.76 6.91
N TYR A 39 22.65 -4.23 5.95
CA TYR A 39 21.21 -4.29 6.17
C TYR A 39 20.52 -5.58 6.62
N VAL A 40 21.31 -6.54 7.11
CA VAL A 40 20.76 -7.82 7.55
C VAL A 40 19.79 -7.66 8.70
N GLU A 41 20.18 -6.90 9.72
CA GLU A 41 19.32 -6.67 10.88
C GLU A 41 18.09 -5.90 10.45
N ARG A 42 18.29 -4.88 9.62
CA ARG A 42 17.19 -4.05 9.13
C ARG A 42 16.18 -4.88 8.37
N CYS A 43 16.65 -5.82 7.55
CA CYS A 43 15.74 -6.68 6.78
C CYS A 43 15.02 -7.68 7.67
N ALA A 44 15.74 -8.22 8.65
CA ALA A 44 15.17 -9.19 9.58
C ALA A 44 14.00 -8.52 10.30
N GLU A 45 14.19 -7.24 10.60
CA GLU A 45 13.22 -6.39 11.28
C GLU A 45 11.95 -6.18 10.46
N VAL A 46 12.11 -6.05 9.15
CA VAL A 46 10.96 -5.84 8.26
C VAL A 46 10.41 -7.18 7.77
N GLY A 47 11.15 -8.26 8.04
CA GLY A 47 10.69 -9.57 7.62
C GLY A 47 10.92 -9.94 6.17
N VAL A 48 11.79 -9.21 5.50
CA VAL A 48 12.10 -9.49 4.10
C VAL A 48 13.36 -10.37 4.03
N PRO A 49 13.26 -11.53 3.35
CA PRO A 49 14.40 -12.45 3.22
C PRO A 49 15.50 -11.83 2.37
N MET A 50 16.70 -11.75 2.93
CA MET A 50 17.83 -11.11 2.25
C MET A 50 19.16 -11.85 2.33
N VAL A 51 19.85 -11.91 1.19
CA VAL A 51 21.14 -12.57 1.12
C VAL A 51 22.21 -11.49 1.16
N PRO A 52 23.17 -11.61 2.11
CA PRO A 52 24.25 -10.62 2.22
C PRO A 52 25.29 -10.82 1.12
N VAL A 53 25.60 -9.76 0.38
CA VAL A 53 26.57 -9.85 -0.71
C VAL A 53 27.60 -8.72 -0.70
N GLY A 54 28.88 -9.09 -0.80
CA GLY A 54 29.96 -8.11 -0.82
C GLY A 54 30.36 -7.48 0.51
N ARG A 55 31.17 -6.43 0.44
CA ARG A 55 31.64 -5.71 1.63
C ARG A 55 30.53 -4.82 2.20
N ALA A 56 30.72 -4.36 3.44
CA ALA A 56 29.75 -3.48 4.06
C ALA A 56 29.96 -2.07 3.50
N VAL A 57 28.89 -1.30 3.39
CA VAL A 57 29.02 0.05 2.85
C VAL A 57 29.44 1.06 3.90
N ARG A 58 28.84 0.99 5.08
CA ARG A 58 29.15 1.93 6.16
C ARG A 58 30.60 1.75 6.62
N ALA A 59 31.35 2.84 6.61
CA ALA A 59 32.76 2.82 7.01
C ALA A 59 33.04 2.09 8.33
N GLY A 60 32.33 2.46 9.38
CA GLY A 60 32.54 1.82 10.66
C GLY A 60 32.06 0.39 10.75
N ALA A 61 31.67 -0.18 9.62
CA ALA A 61 31.18 -1.55 9.62
C ALA A 61 32.22 -2.54 9.10
N ARG A 62 33.28 -2.02 8.48
CA ARG A 62 34.34 -2.86 7.96
C ARG A 62 35.59 -2.72 8.82
N GLU A 63 36.52 -3.65 8.66
CA GLU A 63 37.78 -3.63 9.41
C GLU A 63 38.45 -2.28 9.11
N PRO A 64 39.31 -1.81 10.03
CA PRO A 64 39.99 -0.54 9.82
C PRO A 64 40.94 -0.59 8.63
N GLY A 65 40.91 0.44 7.81
CA GLY A 65 41.77 0.50 6.64
C GLY A 65 41.22 -0.26 5.45
N GLU A 66 40.11 -0.99 5.65
CA GLU A 66 39.47 -1.77 4.58
C GLU A 66 38.75 -0.88 3.58
N LEU A 67 38.91 -1.19 2.30
CA LEU A 67 38.27 -0.42 1.24
C LEU A 67 36.78 -0.70 1.11
N PRO A 68 36.01 0.30 0.65
CA PRO A 68 34.57 0.18 0.47
C PRO A 68 34.26 -0.47 -0.89
N PRO A 69 33.02 -0.95 -1.08
CA PRO A 69 32.61 -1.59 -2.33
C PRO A 69 32.59 -0.70 -3.58
N GLY A 70 32.70 0.60 -3.39
CA GLY A 70 32.71 1.50 -4.52
C GLY A 70 34.10 1.81 -5.04
N ALA A 71 35.10 1.59 -4.18
CA ALA A 71 36.50 1.84 -4.51
C ALA A 71 36.98 1.06 -5.74
N ALA A 72 37.37 1.79 -6.79
CA ALA A 72 37.85 1.21 -8.04
C ALA A 72 38.79 0.02 -7.87
N GLU A 73 39.49 -0.03 -6.74
CA GLU A 73 40.42 -1.12 -6.46
C GLU A 73 39.72 -2.48 -6.53
N VAL A 74 38.78 -2.69 -5.63
CA VAL A 74 38.01 -3.93 -5.50
C VAL A 74 37.14 -4.34 -6.69
N VAL A 75 36.72 -3.36 -7.49
CA VAL A 75 35.86 -3.61 -8.66
C VAL A 75 35.77 -5.05 -9.17
N THR A 76 36.91 -5.68 -9.44
CA THR A 76 36.90 -7.03 -9.96
C THR A 76 36.40 -8.04 -8.93
N GLU A 77 36.67 -7.78 -7.65
CA GLU A 77 36.22 -8.67 -6.59
C GLU A 77 34.71 -8.51 -6.50
N VAL A 78 34.24 -7.27 -6.56
CA VAL A 78 32.82 -6.96 -6.53
C VAL A 78 32.15 -7.76 -7.64
N VAL A 79 32.52 -7.46 -8.87
CA VAL A 79 31.95 -8.17 -10.03
C VAL A 79 31.93 -9.66 -9.75
N ALA A 80 33.07 -10.19 -9.34
CA ALA A 80 33.21 -11.60 -9.06
C ALA A 80 32.25 -12.06 -7.97
N GLU A 81 32.18 -11.30 -6.89
CA GLU A 81 31.32 -11.66 -5.77
C GLU A 81 29.84 -11.75 -6.12
N TRP A 82 29.35 -10.76 -6.85
CA TRP A 82 27.96 -10.77 -7.23
C TRP A 82 27.64 -11.91 -8.20
N PHE A 83 28.52 -12.14 -9.17
CA PHE A 83 28.30 -13.22 -10.12
C PHE A 83 28.31 -14.56 -9.41
N ASP A 84 28.85 -14.58 -8.19
CA ASP A 84 28.97 -15.79 -7.39
C ASP A 84 27.82 -16.05 -6.42
N LYS A 85 27.29 -15.00 -5.80
CA LYS A 85 26.22 -15.18 -4.82
C LYS A 85 24.80 -14.89 -5.29
N VAL A 86 24.66 -14.17 -6.39
CA VAL A 86 23.32 -13.86 -6.88
C VAL A 86 22.49 -15.03 -7.41
N PRO A 87 23.12 -16.00 -8.10
CA PRO A 87 22.33 -17.13 -8.63
C PRO A 87 21.45 -17.87 -7.62
N ALA A 88 21.96 -18.10 -6.42
CA ALA A 88 21.19 -18.80 -5.39
C ALA A 88 19.93 -18.01 -5.07
N ALA A 89 20.04 -16.69 -5.19
CA ALA A 89 18.94 -15.78 -4.91
C ALA A 89 18.03 -15.57 -6.10
N ILE A 90 18.62 -15.35 -7.28
CA ILE A 90 17.85 -15.09 -8.49
C ILE A 90 17.16 -16.31 -9.10
N GLU A 91 17.64 -17.50 -8.75
CA GLU A 91 16.99 -18.69 -9.28
C GLU A 91 15.52 -18.72 -8.85
N GLY A 92 14.63 -18.80 -9.83
CA GLY A 92 13.21 -18.86 -9.52
C GLY A 92 12.50 -17.52 -9.51
N CYS A 93 13.18 -16.46 -9.94
CA CYS A 93 12.53 -15.16 -9.96
C CYS A 93 11.97 -14.84 -11.34
N ASP A 94 11.00 -13.95 -11.39
CA ASP A 94 10.37 -13.60 -12.66
C ASP A 94 10.72 -12.20 -13.14
N ALA A 95 11.47 -11.47 -12.32
CA ALA A 95 11.88 -10.13 -12.67
C ALA A 95 12.89 -9.71 -11.61
N VAL A 96 13.58 -8.60 -11.84
CA VAL A 96 14.56 -8.13 -10.87
C VAL A 96 14.61 -6.60 -10.88
N VAL A 97 14.79 -6.01 -9.71
CA VAL A 97 14.86 -4.56 -9.60
C VAL A 97 16.14 -4.21 -8.89
N THR A 98 16.89 -3.25 -9.45
CA THR A 98 18.17 -2.84 -8.89
C THR A 98 18.34 -1.33 -8.80
N THR A 99 19.36 -0.94 -8.06
CA THR A 99 19.77 0.46 -7.87
C THR A 99 21.19 0.37 -7.32
N GLY A 100 21.91 1.47 -7.28
CA GLY A 100 23.25 1.44 -6.71
C GLY A 100 24.46 1.13 -7.58
N LEU A 101 25.52 0.66 -6.95
CA LEU A 101 26.79 0.34 -7.60
C LEU A 101 26.71 -0.36 -8.95
N LEU A 102 26.99 0.40 -10.02
CA LEU A 102 26.96 -0.08 -11.42
C LEU A 102 27.63 -1.42 -11.68
N PRO A 103 28.84 -1.65 -11.15
CA PRO A 103 29.48 -2.94 -11.41
C PRO A 103 28.68 -4.11 -10.86
N ALA A 104 27.89 -3.87 -9.81
CA ALA A 104 27.07 -4.92 -9.22
C ALA A 104 25.74 -5.03 -10.00
N ALA A 105 25.25 -3.89 -10.47
CA ALA A 105 24.00 -3.83 -11.23
C ALA A 105 24.12 -4.55 -12.57
N VAL A 106 25.31 -4.49 -13.17
CA VAL A 106 25.55 -5.13 -14.46
C VAL A 106 25.68 -6.65 -14.28
N ALA A 107 26.30 -7.07 -13.18
CA ALA A 107 26.43 -8.50 -12.91
C ALA A 107 25.03 -9.10 -12.79
N VAL A 108 24.14 -8.37 -12.12
CA VAL A 108 22.79 -8.84 -11.92
C VAL A 108 22.03 -8.87 -13.24
N ARG A 109 22.07 -7.77 -13.99
CA ARG A 109 21.34 -7.74 -15.25
C ARG A 109 21.77 -8.86 -16.20
N SER A 110 23.02 -9.28 -16.08
CA SER A 110 23.52 -10.34 -16.93
C SER A 110 22.87 -11.65 -16.56
N MET A 111 22.85 -11.96 -15.28
CA MET A 111 22.24 -13.20 -14.78
C MET A 111 20.73 -13.21 -15.04
N ALA A 112 20.14 -12.01 -15.15
CA ALA A 112 18.71 -11.89 -15.43
C ALA A 112 18.53 -12.19 -16.93
N GLU A 113 19.49 -11.71 -17.72
CA GLU A 113 19.49 -11.90 -19.16
C GLU A 113 19.53 -13.40 -19.49
N LYS A 114 20.36 -14.13 -18.76
CA LYS A 114 20.48 -15.58 -18.96
C LYS A 114 19.20 -16.34 -18.61
N LEU A 115 18.45 -15.82 -17.63
CA LEU A 115 17.21 -16.47 -17.21
C LEU A 115 16.00 -16.02 -18.01
N GLY A 116 16.11 -14.91 -18.73
CA GLY A 116 15.00 -14.44 -19.56
C GLY A 116 13.89 -13.73 -18.81
N ILE A 117 14.26 -12.99 -17.76
CA ILE A 117 13.30 -12.26 -16.93
C ILE A 117 13.61 -10.77 -16.97
N PRO A 118 12.56 -9.93 -17.05
CA PRO A 118 12.78 -8.48 -17.10
C PRO A 118 13.63 -7.90 -15.96
N TYR A 119 14.35 -6.83 -16.28
CA TYR A 119 15.23 -6.15 -15.33
C TYR A 119 14.89 -4.68 -15.35
N ARG A 120 14.98 -4.04 -14.20
CA ARG A 120 14.70 -2.62 -14.10
C ARG A 120 15.67 -2.00 -13.12
N TYR A 121 16.22 -0.85 -13.48
CA TYR A 121 17.15 -0.15 -12.62
C TYR A 121 16.45 1.15 -12.21
N THR A 122 16.62 1.55 -10.95
CA THR A 122 15.99 2.77 -10.47
C THR A 122 16.97 3.83 -9.97
N VAL A 123 16.56 5.10 -10.08
CA VAL A 123 17.35 6.21 -9.59
C VAL A 123 16.40 6.90 -8.61
N LEU A 124 16.95 7.62 -7.64
CA LEU A 124 16.09 8.29 -6.67
C LEU A 124 15.91 9.79 -6.91
N SER A 125 16.72 10.34 -7.81
CA SER A 125 16.63 11.76 -8.14
C SER A 125 16.59 11.94 -9.66
N PRO A 126 15.66 12.77 -10.16
CA PRO A 126 15.59 12.95 -11.61
C PRO A 126 16.91 13.37 -12.25
N ASP A 127 17.71 14.17 -11.55
CA ASP A 127 18.99 14.64 -12.07
C ASP A 127 20.05 13.55 -12.23
N HIS A 128 19.65 12.30 -12.06
CA HIS A 128 20.56 11.16 -12.22
C HIS A 128 20.16 10.32 -13.43
N LEU A 129 19.00 10.63 -14.01
CA LEU A 129 18.54 9.90 -15.17
C LEU A 129 19.54 10.20 -16.27
N PRO A 130 19.82 9.23 -17.14
CA PRO A 130 20.78 9.47 -18.22
C PRO A 130 20.29 10.52 -19.24
N SER A 131 19.05 10.99 -19.07
CA SER A 131 18.47 11.97 -19.96
C SER A 131 18.63 13.40 -19.44
N GLU A 132 19.33 13.55 -18.33
CA GLU A 132 19.58 14.87 -17.77
C GLU A 132 21.09 14.96 -17.70
N GLN A 133 21.69 14.14 -18.56
CA GLN A 133 23.12 14.03 -18.72
C GLN A 133 23.40 14.39 -20.19
N SER A 134 24.42 15.20 -20.43
CA SER A 134 24.76 15.57 -21.80
C SER A 134 25.23 14.28 -22.44
N GLN A 135 24.75 13.97 -23.63
CA GLN A 135 25.17 12.74 -24.29
C GLN A 135 26.64 12.81 -24.69
N ALA A 136 27.42 13.48 -23.84
CA ALA A 136 28.85 13.65 -24.00
C ALA A 136 29.47 12.93 -22.81
N GLU A 137 29.04 13.35 -21.63
CA GLU A 137 29.49 12.77 -20.38
C GLU A 137 29.01 11.32 -20.31
N ARG A 138 27.87 11.05 -20.94
CA ARG A 138 27.31 9.71 -20.99
C ARG A 138 28.33 8.78 -21.65
N ASP A 139 29.05 9.33 -22.62
CA ASP A 139 30.07 8.57 -23.34
C ASP A 139 31.27 8.34 -22.44
N MET A 140 31.53 9.30 -21.56
CA MET A 140 32.66 9.16 -20.64
C MET A 140 32.34 8.00 -19.70
N TYR A 141 31.10 7.97 -19.22
CA TYR A 141 30.62 6.91 -18.31
C TYR A 141 30.83 5.52 -18.90
N ASN A 142 30.32 5.31 -20.10
CA ASN A 142 30.44 4.02 -20.76
C ASN A 142 31.91 3.66 -20.91
N GLN A 143 32.68 4.58 -21.47
CA GLN A 143 34.11 4.36 -21.66
C GLN A 143 34.74 4.06 -20.32
N GLY A 144 34.50 4.95 -19.34
CA GLY A 144 35.04 4.77 -18.00
C GLY A 144 34.75 3.38 -17.45
N ALA A 145 33.47 3.03 -17.42
CA ALA A 145 33.01 1.74 -16.91
C ALA A 145 33.62 0.56 -17.67
N ASP A 146 33.38 0.53 -18.99
CA ASP A 146 33.90 -0.52 -19.86
C ASP A 146 35.39 -0.83 -19.60
N ARG A 147 36.14 0.19 -19.19
CA ARG A 147 37.56 0.05 -18.91
C ARG A 147 37.85 -0.43 -17.50
N LEU A 148 37.03 0.02 -16.56
CA LEU A 148 37.22 -0.36 -15.16
C LEU A 148 36.90 -1.81 -14.85
N PHE A 149 35.68 -2.24 -15.12
CA PHE A 149 35.30 -3.64 -14.88
C PHE A 149 34.97 -4.39 -16.15
N GLY A 150 34.62 -3.64 -17.19
CA GLY A 150 34.27 -4.21 -18.47
C GLY A 150 34.74 -5.64 -18.74
N ASP A 151 36.06 -5.83 -18.81
CA ASP A 151 36.61 -7.15 -19.10
C ASP A 151 36.15 -8.20 -18.09
N ALA A 152 36.27 -7.88 -16.80
CA ALA A 152 35.87 -8.81 -15.74
C ALA A 152 34.42 -9.26 -15.95
N VAL A 153 33.57 -8.28 -16.27
CA VAL A 153 32.17 -8.56 -16.50
C VAL A 153 32.04 -9.65 -17.57
N ASN A 154 32.38 -9.30 -18.81
CA ASN A 154 32.30 -10.23 -19.94
C ASN A 154 32.99 -11.56 -19.67
N SER A 155 33.90 -11.57 -18.70
CA SER A 155 34.60 -12.80 -18.33
C SER A 155 33.58 -13.75 -17.72
N HIS A 156 32.95 -13.29 -16.64
CA HIS A 156 31.94 -14.08 -15.95
C HIS A 156 30.75 -14.27 -16.87
N ARG A 157 30.45 -13.24 -17.66
CA ARG A 157 29.36 -13.33 -18.60
C ARG A 157 29.60 -14.59 -19.42
N ALA A 158 30.85 -14.76 -19.83
CA ALA A 158 31.27 -15.92 -20.62
C ALA A 158 31.05 -17.22 -19.86
N SER A 159 31.54 -17.29 -18.62
CA SER A 159 31.41 -18.48 -17.80
C SER A 159 30.00 -19.05 -17.66
N ILE A 160 28.96 -18.30 -18.02
CA ILE A 160 27.60 -18.81 -17.91
C ILE A 160 26.90 -18.85 -19.26
N GLY A 161 27.68 -18.75 -20.34
CA GLY A 161 27.12 -18.81 -21.68
C GLY A 161 26.55 -17.51 -22.21
N LEU A 162 27.24 -16.40 -21.99
CA LEU A 162 26.73 -15.14 -22.48
C LEU A 162 27.64 -14.35 -23.39
N PRO A 163 27.07 -13.69 -24.40
CA PRO A 163 27.85 -12.89 -25.34
C PRO A 163 28.26 -11.60 -24.64
N PRO A 164 29.49 -11.14 -24.87
CA PRO A 164 29.99 -9.91 -24.24
C PRO A 164 29.16 -8.68 -24.59
N VAL A 165 29.27 -7.64 -23.76
CA VAL A 165 28.54 -6.39 -23.97
C VAL A 165 29.49 -5.22 -23.74
N GLU A 166 29.12 -4.08 -24.32
CA GLU A 166 29.92 -2.86 -24.19
C GLU A 166 28.97 -1.78 -23.67
N HIS A 167 29.49 -0.58 -23.44
CA HIS A 167 28.66 0.50 -22.94
C HIS A 167 27.98 0.08 -21.63
N LEU A 168 28.77 -0.44 -20.69
CA LEU A 168 28.22 -0.89 -19.42
C LEU A 168 27.37 0.10 -18.65
N TYR A 169 27.41 1.37 -19.03
CA TYR A 169 26.63 2.41 -18.35
C TYR A 169 25.18 2.38 -18.80
N ASP A 170 24.96 2.13 -20.09
CA ASP A 170 23.61 2.09 -20.62
C ASP A 170 23.00 0.73 -20.31
N TYR A 171 23.84 -0.25 -20.03
CA TYR A 171 23.38 -1.60 -19.70
C TYR A 171 22.89 -1.63 -18.26
N GLY A 172 23.72 -1.14 -17.35
CA GLY A 172 23.34 -1.10 -15.95
C GLY A 172 22.08 -0.28 -15.72
N TYR A 173 22.03 0.90 -16.32
CA TYR A 173 20.89 1.79 -16.15
C TYR A 173 19.74 1.49 -17.12
N THR A 174 20.05 0.84 -18.23
CA THR A 174 19.07 0.51 -19.26
C THR A 174 18.60 1.76 -19.98
N ASP A 175 18.01 1.58 -21.16
CA ASP A 175 17.52 2.69 -21.97
C ASP A 175 16.29 3.45 -21.42
N GLN A 176 15.84 3.09 -20.23
CA GLN A 176 14.68 3.75 -19.61
C GLN A 176 14.56 3.45 -18.13
N PRO A 177 15.51 3.93 -17.31
CA PRO A 177 15.56 3.75 -15.87
C PRO A 177 14.31 4.29 -15.20
N TRP A 178 13.98 3.77 -14.03
CA TRP A 178 12.82 4.22 -13.29
C TRP A 178 13.19 5.32 -12.30
N LEU A 179 12.23 6.20 -12.05
CA LEU A 179 12.43 7.29 -11.11
C LEU A 179 11.47 7.07 -9.95
N ALA A 180 11.97 6.48 -8.88
CA ALA A 180 11.13 6.25 -7.72
C ALA A 180 11.18 7.47 -6.80
N ALA A 181 10.59 8.58 -7.25
CA ALA A 181 10.57 9.82 -6.48
C ALA A 181 9.22 10.47 -6.67
N ASP A 182 8.79 11.24 -5.68
CA ASP A 182 7.50 11.91 -5.77
C ASP A 182 7.53 13.11 -6.70
N PRO A 183 6.52 13.23 -7.58
CA PRO A 183 6.33 14.29 -8.57
C PRO A 183 6.43 15.73 -8.03
N VAL A 184 5.73 16.00 -6.93
CA VAL A 184 5.75 17.34 -6.35
C VAL A 184 7.13 17.77 -5.88
N LEU A 185 7.94 16.81 -5.43
CA LEU A 185 9.29 17.11 -4.95
C LEU A 185 10.37 16.96 -6.00
N SER A 186 10.35 15.86 -6.74
CA SER A 186 11.38 15.62 -7.75
C SER A 186 10.77 15.46 -9.14
N PRO A 187 10.25 16.57 -9.72
CA PRO A 187 9.64 16.57 -11.04
C PRO A 187 10.59 16.36 -12.22
N LEU A 188 10.16 15.53 -13.16
CA LEU A 188 10.95 15.24 -14.34
C LEU A 188 11.12 16.52 -15.16
N ARG A 189 12.20 16.58 -15.94
CA ARG A 189 12.44 17.75 -16.78
C ARG A 189 12.05 17.37 -18.21
N PRO A 190 11.60 18.35 -19.00
CA PRO A 190 11.18 18.14 -20.40
C PRO A 190 12.20 17.44 -21.29
N THR A 191 13.31 17.01 -20.72
CA THR A 191 14.34 16.31 -21.48
C THR A 191 14.20 14.82 -21.20
N ASP A 192 13.17 14.46 -20.45
CA ASP A 192 12.93 13.06 -20.11
C ASP A 192 11.45 12.67 -19.98
N LEU A 193 10.62 13.22 -20.86
CA LEU A 193 9.18 12.93 -20.84
C LEU A 193 8.87 11.42 -20.76
N GLY A 194 9.58 10.63 -21.55
CA GLY A 194 9.38 9.20 -21.57
C GLY A 194 9.45 8.45 -20.24
N THR A 195 10.60 8.53 -19.56
CA THR A 195 10.81 7.84 -18.29
C THR A 195 9.57 7.70 -17.40
N VAL A 196 9.56 6.64 -16.60
CA VAL A 196 8.47 6.33 -15.67
C VAL A 196 8.75 6.79 -14.25
N GLN A 197 7.92 7.71 -13.75
CA GLN A 197 8.07 8.21 -12.39
C GLN A 197 6.96 7.58 -11.56
N THR A 198 7.32 6.64 -10.70
CA THR A 198 6.34 5.91 -9.89
C THR A 198 5.91 6.54 -8.58
N GLY A 199 6.67 7.51 -8.09
CA GLY A 199 6.36 8.13 -6.80
C GLY A 199 7.24 7.40 -5.80
N ALA A 200 7.80 8.11 -4.83
CA ALA A 200 8.69 7.50 -3.85
C ALA A 200 8.19 6.17 -3.28
N TRP A 201 9.14 5.28 -2.99
CA TRP A 201 8.85 3.97 -2.43
C TRP A 201 9.09 4.12 -0.95
N ILE A 202 8.02 4.24 -0.18
CA ILE A 202 8.11 4.41 1.26
C ILE A 202 7.48 3.22 1.98
N LEU A 203 8.11 2.80 3.08
CA LEU A 203 7.61 1.68 3.85
C LEU A 203 6.92 2.16 5.12
N PRO A 204 5.59 2.14 5.15
CA PRO A 204 4.87 2.59 6.35
C PRO A 204 5.46 1.98 7.62
N ASP A 205 6.13 2.82 8.40
CA ASP A 205 6.78 2.39 9.65
C ASP A 205 5.79 2.38 10.81
N GLU A 206 5.85 1.34 11.63
CA GLU A 206 4.96 1.22 12.79
C GLU A 206 5.78 1.12 14.06
N ARG A 207 7.10 1.14 13.95
CA ARG A 207 7.95 1.05 15.13
C ARG A 207 7.73 2.24 16.08
N PRO A 208 7.60 1.96 17.38
CA PRO A 208 7.40 3.05 18.33
C PRO A 208 8.74 3.67 18.71
N LEU A 209 8.70 4.90 19.19
CA LEU A 209 9.92 5.57 19.62
C LEU A 209 10.19 4.96 20.98
N SER A 210 11.44 5.01 21.46
CA SER A 210 11.72 4.43 22.76
C SER A 210 11.00 5.17 23.89
N ALA A 211 11.13 4.64 25.11
CA ALA A 211 10.50 5.22 26.29
C ALA A 211 11.15 6.53 26.67
N GLU A 212 12.48 6.55 26.62
CA GLU A 212 13.25 7.72 26.94
C GLU A 212 12.96 8.82 25.95
N LEU A 213 12.93 8.48 24.65
CA LEU A 213 12.65 9.48 23.63
C LEU A 213 11.26 10.07 23.86
N GLU A 214 10.34 9.24 24.33
CA GLU A 214 8.99 9.70 24.61
C GLU A 214 9.03 10.65 25.80
N ALA A 215 9.77 10.25 26.84
CA ALA A 215 9.92 11.05 28.06
C ALA A 215 10.44 12.43 27.71
N PHE A 216 11.45 12.47 26.86
CA PHE A 216 12.04 13.72 26.42
C PHE A 216 10.95 14.55 25.75
N LEU A 217 10.46 14.07 24.61
CA LEU A 217 9.42 14.77 23.89
C LEU A 217 8.35 15.34 24.80
N ALA A 218 8.07 14.63 25.90
CA ALA A 218 7.04 15.04 26.85
C ALA A 218 7.54 16.11 27.83
N ALA A 219 8.68 15.83 28.47
CA ALA A 219 9.28 16.74 29.45
C ALA A 219 9.83 18.03 28.86
N GLY A 220 9.03 18.78 28.11
CA GLY A 220 9.54 20.01 27.55
C GLY A 220 9.00 20.45 26.20
N SER A 221 9.61 21.53 25.68
CA SER A 221 9.24 22.14 24.41
C SER A 221 9.52 21.23 23.22
N THR A 222 8.81 21.48 22.12
CA THR A 222 8.95 20.70 20.89
C THR A 222 10.29 21.06 20.23
N PRO A 223 11.15 20.05 20.01
CA PRO A 223 12.49 20.16 19.41
C PRO A 223 12.67 20.26 17.90
N VAL A 224 13.88 20.61 17.50
CA VAL A 224 14.26 20.71 16.09
C VAL A 224 15.17 19.53 15.83
N TYR A 225 14.90 18.80 14.75
CA TYR A 225 15.69 17.62 14.41
C TYR A 225 16.96 17.99 13.65
N VAL A 226 18.05 17.36 14.02
CA VAL A 226 19.34 17.58 13.38
C VAL A 226 19.93 16.19 13.15
N GLY A 227 20.25 15.92 11.87
CA GLY A 227 20.82 14.64 11.47
C GLY A 227 21.24 14.64 10.01
N PHE A 228 22.25 13.85 9.69
CA PHE A 228 22.77 13.80 8.33
C PHE A 228 22.85 12.38 7.76
N GLY A 229 22.00 11.48 8.23
CA GLY A 229 22.01 10.12 7.72
C GLY A 229 23.36 9.48 7.43
N SER A 230 23.50 8.91 6.24
CA SER A 230 24.71 8.22 5.85
C SER A 230 25.94 9.08 5.62
N SER A 231 25.82 10.40 5.81
CA SER A 231 26.97 11.29 5.64
C SER A 231 28.03 10.87 6.66
N SER A 232 29.28 10.73 6.21
CA SER A 232 30.36 10.31 7.10
C SER A 232 31.66 11.06 6.85
N ARG A 233 31.58 12.18 6.13
CA ARG A 233 32.76 12.99 5.85
C ARG A 233 33.12 13.72 7.15
N PRO A 234 34.38 14.18 7.27
CA PRO A 234 34.81 14.90 8.48
C PRO A 234 33.96 16.12 8.81
N ALA A 235 33.64 16.91 7.80
CA ALA A 235 32.83 18.11 7.99
C ALA A 235 31.58 17.82 8.80
N THR A 236 30.94 16.69 8.50
CA THR A 236 29.70 16.26 9.15
C THR A 236 29.62 16.52 10.65
N ALA A 237 30.64 16.10 11.40
CA ALA A 237 30.66 16.33 12.84
C ALA A 237 30.67 17.84 13.14
N ASP A 238 31.32 18.62 12.28
CA ASP A 238 31.37 20.06 12.48
C ASP A 238 30.04 20.69 12.14
N ALA A 239 29.44 20.23 11.04
CA ALA A 239 28.16 20.74 10.58
C ALA A 239 27.08 20.49 11.63
N ALA A 240 27.21 19.38 12.33
CA ALA A 240 26.26 19.04 13.37
C ALA A 240 26.39 19.98 14.56
N LYS A 241 27.63 20.38 14.87
CA LYS A 241 27.86 21.30 15.99
C LYS A 241 27.29 22.68 15.72
N MET A 242 27.43 23.14 14.48
CA MET A 242 26.94 24.43 14.08
C MET A 242 25.41 24.48 14.11
N ALA A 243 24.78 23.37 13.78
CA ALA A 243 23.32 23.31 13.78
C ALA A 243 22.77 23.24 15.21
N ILE A 244 23.44 22.48 16.06
CA ILE A 244 23.03 22.36 17.45
C ILE A 244 23.04 23.76 18.07
N LYS A 245 24.10 24.49 17.79
CA LYS A 245 24.26 25.85 18.31
C LYS A 245 23.14 26.74 17.80
N ALA A 246 22.96 26.75 16.50
CA ALA A 246 21.92 27.54 15.89
C ALA A 246 20.55 27.26 16.51
N VAL A 247 20.28 26.00 16.86
CA VAL A 247 19.00 25.68 17.45
C VAL A 247 18.96 26.13 18.92
N ARG A 248 20.08 25.99 19.59
CA ARG A 248 20.17 26.41 20.98
C ARG A 248 20.14 27.93 21.09
N ALA A 249 20.79 28.58 20.13
CA ALA A 249 20.82 30.04 20.11
C ALA A 249 19.36 30.50 20.05
N SER A 250 18.54 29.72 19.36
CA SER A 250 17.13 30.03 19.21
C SER A 250 16.36 29.70 20.48
N GLY A 251 16.98 28.93 21.38
CA GLY A 251 16.32 28.57 22.61
C GLY A 251 15.36 27.40 22.46
N ARG A 252 15.65 26.49 21.54
CA ARG A 252 14.80 25.33 21.32
C ARG A 252 15.60 24.06 21.62
N ARG A 253 14.90 22.99 21.99
CA ARG A 253 15.56 21.72 22.30
C ARG A 253 15.86 20.98 21.01
N ILE A 254 16.65 19.92 21.09
CA ILE A 254 16.97 19.20 19.88
C ILE A 254 17.08 17.69 20.04
N VAL A 255 16.86 17.00 18.93
CA VAL A 255 16.97 15.55 18.84
C VAL A 255 18.03 15.35 17.78
N LEU A 256 19.11 14.64 18.11
CA LEU A 256 20.18 14.42 17.16
C LEU A 256 20.34 12.94 16.80
N SER A 257 20.53 12.66 15.51
CA SER A 257 20.69 11.30 15.06
C SER A 257 22.16 11.01 14.89
N ARG A 258 22.62 9.91 15.50
CA ARG A 258 24.02 9.52 15.42
C ARG A 258 24.45 9.40 13.95
N GLY A 259 23.57 8.84 13.13
CA GLY A 259 23.87 8.65 11.73
C GLY A 259 25.11 7.79 11.54
N TRP A 260 25.59 7.73 10.31
CA TRP A 260 26.77 6.95 10.01
C TRP A 260 28.03 7.65 10.52
N ALA A 261 27.85 8.87 11.02
CA ALA A 261 28.96 9.66 11.53
C ALA A 261 29.23 9.40 13.01
N ASP A 262 28.29 8.75 13.68
CA ASP A 262 28.43 8.47 15.11
C ASP A 262 28.68 9.78 15.84
N LEU A 263 27.81 10.74 15.57
CA LEU A 263 27.90 12.06 16.19
C LEU A 263 27.51 11.96 17.65
N VAL A 264 28.20 12.73 18.48
CA VAL A 264 27.89 12.75 19.91
C VAL A 264 27.48 14.17 20.27
N LEU A 265 26.57 14.29 21.24
CA LEU A 265 26.13 15.59 21.69
C LEU A 265 27.36 16.29 22.29
N PRO A 266 27.44 17.61 22.13
CA PRO A 266 28.58 18.39 22.65
C PRO A 266 28.73 18.39 24.18
N ASP A 267 27.65 18.12 24.89
CA ASP A 267 27.69 18.12 26.35
C ASP A 267 26.49 17.40 26.91
N ASP A 268 26.54 17.11 28.20
CA ASP A 268 25.46 16.41 28.89
C ASP A 268 24.23 17.28 29.07
N GLY A 269 24.14 18.36 28.31
CA GLY A 269 22.98 19.25 28.41
C GLY A 269 21.69 18.45 28.34
N ALA A 270 20.69 18.85 29.11
CA ALA A 270 19.42 18.15 29.15
C ALA A 270 18.39 18.61 28.13
N ASP A 271 18.77 19.58 27.29
CA ASP A 271 17.85 20.09 26.29
C ASP A 271 18.05 19.40 24.93
N CYS A 272 18.95 18.42 24.90
CA CYS A 272 19.24 17.66 23.69
C CYS A 272 18.95 16.17 23.89
N PHE A 273 19.03 15.40 22.81
CA PHE A 273 18.78 13.96 22.87
C PHE A 273 19.39 13.29 21.65
N VAL A 274 20.12 12.20 21.86
CA VAL A 274 20.75 11.49 20.74
C VAL A 274 20.00 10.20 20.53
N VAL A 275 19.69 9.88 19.27
CA VAL A 275 19.00 8.63 18.94
C VAL A 275 19.82 7.88 17.93
N GLY A 276 19.59 6.57 17.86
CA GLY A 276 20.28 5.75 16.89
C GLY A 276 19.24 5.44 15.84
N GLU A 277 18.91 4.16 15.69
CA GLU A 277 17.88 3.77 14.74
C GLU A 277 16.59 4.37 15.26
N VAL A 278 15.72 4.82 14.38
CA VAL A 278 14.47 5.38 14.86
C VAL A 278 13.48 5.56 13.71
N ASN A 279 12.21 5.57 14.06
CA ASN A 279 11.16 5.75 13.10
C ASN A 279 11.16 7.24 12.77
N LEU A 280 11.87 7.64 11.73
CA LEU A 280 11.88 9.06 11.36
C LEU A 280 10.46 9.53 11.05
N GLN A 281 9.70 8.71 10.34
CA GLN A 281 8.33 9.07 10.00
C GLN A 281 7.56 9.48 11.25
N GLU A 282 7.82 8.77 12.34
CA GLU A 282 7.16 9.05 13.59
C GLU A 282 7.77 10.29 14.25
N LEU A 283 9.10 10.27 14.43
CA LEU A 283 9.80 11.39 15.06
C LEU A 283 9.57 12.71 14.32
N PHE A 284 9.63 12.68 13.00
CA PHE A 284 9.41 13.86 12.16
C PHE A 284 8.02 14.42 12.37
N GLY A 285 7.12 13.58 12.88
CA GLY A 285 5.77 14.03 13.13
C GLY A 285 5.70 14.60 14.53
N ARG A 286 6.86 14.77 15.16
CA ARG A 286 6.89 15.29 16.51
C ARG A 286 7.97 16.31 16.79
N VAL A 287 8.46 16.95 15.73
CA VAL A 287 9.47 17.99 15.87
C VAL A 287 8.98 19.22 15.13
N ALA A 288 9.61 20.36 15.39
CA ALA A 288 9.20 21.60 14.76
C ALA A 288 9.76 21.78 13.37
N ALA A 289 10.97 21.27 13.15
CA ALA A 289 11.62 21.39 11.86
C ALA A 289 12.80 20.47 11.84
N ALA A 290 13.41 20.29 10.68
CA ALA A 290 14.54 19.41 10.56
C ALA A 290 15.65 20.06 9.77
N ILE A 291 16.86 19.96 10.30
CA ILE A 291 18.05 20.49 9.65
C ILE A 291 18.78 19.21 9.26
N HIS A 292 18.92 18.99 7.95
CA HIS A 292 19.58 17.77 7.48
C HIS A 292 20.35 17.93 6.18
N HIS A 293 20.96 16.84 5.74
CA HIS A 293 21.72 16.85 4.51
C HIS A 293 20.83 16.82 3.27
N ASP A 294 21.49 16.90 2.12
CA ASP A 294 20.80 16.88 0.84
C ASP A 294 20.58 15.44 0.44
N SER A 295 19.38 14.92 0.67
CA SER A 295 19.10 13.54 0.32
C SER A 295 17.64 13.30 -0.05
N ALA A 296 17.44 12.47 -1.06
CA ALA A 296 16.10 12.13 -1.55
C ALA A 296 15.17 11.62 -0.45
N GLY A 297 15.64 10.64 0.31
CA GLY A 297 14.82 10.04 1.35
C GLY A 297 14.36 10.92 2.50
N THR A 298 15.29 11.56 3.18
CA THR A 298 14.92 12.42 4.30
C THR A 298 14.12 13.65 3.87
N THR A 299 14.50 14.28 2.77
CA THR A 299 13.77 15.46 2.33
C THR A 299 12.30 15.14 2.10
N LEU A 300 12.02 13.95 1.58
CA LEU A 300 10.65 13.54 1.31
C LEU A 300 9.91 13.13 2.58
N LEU A 301 10.59 12.45 3.50
CA LEU A 301 9.93 12.04 4.73
C LEU A 301 9.53 13.25 5.54
N ALA A 302 10.36 14.29 5.48
CA ALA A 302 10.06 15.50 6.21
C ALA A 302 8.95 16.23 5.49
N MET A 303 9.06 16.30 4.16
CA MET A 303 8.07 16.97 3.34
C MET A 303 6.69 16.35 3.43
N ARG A 304 6.61 15.06 3.70
CA ARG A 304 5.32 14.43 3.83
C ARG A 304 4.91 14.44 5.29
N ALA A 305 5.82 14.93 6.14
CA ALA A 305 5.57 15.04 7.56
C ALA A 305 5.01 16.44 7.84
N GLY A 306 5.09 17.30 6.83
CA GLY A 306 4.58 18.64 6.94
C GLY A 306 5.38 19.61 7.80
N ILE A 307 6.69 19.38 7.90
CA ILE A 307 7.56 20.23 8.70
C ILE A 307 8.51 21.06 7.82
N PRO A 308 8.95 22.23 8.32
CA PRO A 308 9.86 23.12 7.58
C PRO A 308 11.21 22.45 7.64
N GLN A 309 12.06 22.71 6.65
CA GLN A 309 13.38 22.11 6.69
C GLN A 309 14.50 23.02 6.20
N ILE A 310 15.68 22.76 6.73
CA ILE A 310 16.89 23.48 6.41
C ILE A 310 17.82 22.44 5.82
N VAL A 311 18.21 22.66 4.57
CA VAL A 311 19.09 21.71 3.88
C VAL A 311 20.48 22.25 3.69
N VAL A 312 21.46 21.47 4.11
CA VAL A 312 22.86 21.86 3.99
C VAL A 312 23.40 21.48 2.63
N ARG A 313 23.85 22.50 1.89
CA ARG A 313 24.40 22.33 0.56
C ARG A 313 25.63 21.42 0.61
N ARG A 314 26.14 21.07 -0.56
CA ARG A 314 27.29 20.19 -0.65
C ARG A 314 28.59 20.98 -0.49
N VAL A 315 28.68 22.11 -1.19
CA VAL A 315 29.87 22.97 -1.12
C VAL A 315 29.45 24.44 -1.13
N TYR A 324 20.54 19.18 -5.09
CA TYR A 324 19.27 19.07 -5.81
C TYR A 324 18.10 19.32 -4.87
N HIS A 325 18.04 18.55 -3.79
CA HIS A 325 16.95 18.68 -2.82
C HIS A 325 17.03 19.97 -2.02
N ALA A 326 18.26 20.44 -1.83
CA ALA A 326 18.48 21.69 -1.11
C ALA A 326 17.55 22.70 -1.77
N ASP A 327 17.82 22.95 -3.05
CA ASP A 327 17.03 23.89 -3.82
C ASP A 327 15.57 23.50 -3.96
N ARG A 328 15.28 22.22 -4.22
CA ARG A 328 13.91 21.77 -4.37
C ARG A 328 13.02 22.25 -3.21
N VAL A 329 13.58 22.23 -2.01
CA VAL A 329 12.83 22.66 -0.82
C VAL A 329 12.61 24.17 -0.85
N ALA A 330 13.63 24.87 -1.32
CA ALA A 330 13.63 26.32 -1.42
C ALA A 330 12.53 26.80 -2.35
N GLU A 331 12.53 26.25 -3.57
CA GLU A 331 11.57 26.58 -4.61
C GLU A 331 10.15 26.21 -4.20
N LEU A 332 9.99 24.99 -3.69
CA LEU A 332 8.68 24.57 -3.24
C LEU A 332 8.28 25.50 -2.10
N GLY A 333 9.29 26.18 -1.55
CA GLY A 333 9.07 27.12 -0.47
C GLY A 333 8.65 26.48 0.83
N VAL A 334 9.35 25.42 1.21
CA VAL A 334 9.04 24.73 2.46
C VAL A 334 10.24 24.73 3.41
N GLY A 335 11.36 25.25 2.93
CA GLY A 335 12.55 25.30 3.75
C GLY A 335 13.63 26.21 3.20
N VAL A 336 14.84 26.05 3.72
CA VAL A 336 15.96 26.89 3.32
C VAL A 336 17.25 26.11 3.09
N ALA A 337 17.97 26.47 2.04
CA ALA A 337 19.23 25.84 1.76
C ALA A 337 20.29 26.74 2.40
N VAL A 338 21.40 26.14 2.83
CA VAL A 338 22.49 26.89 3.44
C VAL A 338 23.75 26.23 2.93
N ASP A 339 24.77 27.03 2.61
CA ASP A 339 26.03 26.49 2.10
C ASP A 339 26.81 25.72 3.15
N GLY A 340 27.57 24.73 2.69
CA GLY A 340 28.35 23.91 3.58
C GLY A 340 29.62 23.48 2.89
N PRO A 341 30.19 22.33 3.26
CA PRO A 341 29.80 21.34 4.28
C PRO A 341 29.51 21.86 5.69
N VAL A 342 30.35 22.75 6.21
CA VAL A 342 30.14 23.30 7.55
C VAL A 342 29.55 24.70 7.46
N PRO A 343 28.22 24.82 7.60
CA PRO A 343 27.54 26.12 7.53
C PRO A 343 27.89 27.07 8.69
N THR A 344 27.64 28.37 8.51
CA THR A 344 27.92 29.33 9.55
C THR A 344 26.74 29.39 10.48
N ILE A 345 26.98 29.65 11.75
CA ILE A 345 25.91 29.73 12.73
C ILE A 345 24.90 30.79 12.29
N ASP A 346 25.37 31.80 11.56
CA ASP A 346 24.49 32.89 11.11
C ASP A 346 23.43 32.39 10.12
N SER A 347 23.89 31.83 9.01
CA SER A 347 22.97 31.30 8.01
C SER A 347 21.97 30.37 8.66
N LEU A 348 22.45 29.42 9.46
CA LEU A 348 21.56 28.48 10.12
C LEU A 348 20.52 29.14 11.01
N SER A 349 20.90 30.21 11.71
CA SER A 349 19.97 30.91 12.58
C SER A 349 19.00 31.72 11.74
N ALA A 350 19.47 32.23 10.61
CA ALA A 350 18.63 32.99 9.69
C ALA A 350 17.58 32.06 9.09
N ALA A 351 18.01 30.84 8.78
CA ALA A 351 17.15 29.82 8.20
C ALA A 351 16.15 29.33 9.25
N LEU A 352 16.67 28.86 10.37
CA LEU A 352 15.82 28.37 11.42
C LEU A 352 14.77 29.44 11.77
N ASP A 353 15.01 30.67 11.32
CA ASP A 353 14.08 31.77 11.60
C ASP A 353 13.06 31.95 10.48
N THR A 354 13.51 31.81 9.24
CA THR A 354 12.64 31.90 8.08
C THR A 354 11.75 30.66 8.11
N ALA A 355 12.40 29.50 8.18
CA ALA A 355 11.72 28.21 8.20
C ALA A 355 10.63 28.08 9.24
N LEU A 356 10.89 28.50 10.46
CA LEU A 356 9.86 28.39 11.50
C LEU A 356 8.89 29.57 11.46
N ALA A 357 8.96 30.34 10.38
CA ALA A 357 8.07 31.48 10.19
C ALA A 357 6.67 31.00 9.86
N PRO A 358 5.64 31.72 10.32
CA PRO A 358 4.25 31.31 10.04
C PRO A 358 3.99 31.03 8.54
N GLU A 359 4.77 31.66 7.67
CA GLU A 359 4.62 31.47 6.22
C GLU A 359 4.98 30.02 5.85
N ILE A 360 6.20 29.60 6.17
CA ILE A 360 6.66 28.25 5.86
C ILE A 360 5.86 27.15 6.56
N ARG A 361 5.65 27.27 7.86
CA ARG A 361 4.89 26.24 8.57
C ARG A 361 3.58 25.95 7.84
N ALA A 362 3.06 26.96 7.15
CA ALA A 362 1.82 26.81 6.42
C ALA A 362 2.04 25.99 5.14
N ARG A 363 2.81 26.53 4.20
CA ARG A 363 3.09 25.83 2.96
C ARG A 363 3.63 24.42 3.20
N ALA A 364 4.31 24.23 4.33
CA ALA A 364 4.88 22.95 4.67
C ALA A 364 3.79 21.91 4.84
N THR A 365 2.77 22.22 5.64
CA THR A 365 1.69 21.27 5.87
C THR A 365 0.71 21.23 4.71
N THR A 366 0.88 22.15 3.77
CA THR A 366 0.03 22.16 2.61
C THR A 366 0.65 21.17 1.61
N VAL A 367 1.92 21.37 1.27
CA VAL A 367 2.61 20.49 0.34
C VAL A 367 2.66 19.03 0.83
N ALA A 368 2.34 18.80 2.10
CA ALA A 368 2.37 17.44 2.64
C ALA A 368 1.31 16.53 2.05
N ASP A 369 0.11 17.08 1.78
CA ASP A 369 -0.97 16.28 1.22
C ASP A 369 -0.87 16.06 -0.29
N THR A 370 -0.03 16.84 -0.95
CA THR A 370 0.14 16.69 -2.38
C THR A 370 1.10 15.52 -2.62
N ILE A 371 1.55 14.89 -1.54
CA ILE A 371 2.50 13.79 -1.63
C ILE A 371 1.84 12.42 -1.81
N ARG A 372 2.18 11.75 -2.89
CA ARG A 372 1.65 10.42 -3.19
C ARG A 372 2.18 9.40 -2.19
N ALA A 373 1.32 8.47 -1.79
CA ALA A 373 1.70 7.42 -0.84
C ALA A 373 1.49 6.03 -1.44
N ASP A 374 1.32 5.96 -2.76
CA ASP A 374 1.09 4.70 -3.46
C ASP A 374 2.32 4.32 -4.30
N GLY A 375 3.46 4.90 -3.96
CA GLY A 375 4.70 4.65 -4.68
C GLY A 375 5.11 3.21 -4.96
N THR A 376 5.11 2.36 -3.93
CA THR A 376 5.53 0.97 -4.10
C THR A 376 4.46 0.15 -4.83
N THR A 377 3.21 0.58 -4.74
CA THR A 377 2.13 -0.13 -5.41
C THR A 377 2.22 0.06 -6.91
N VAL A 378 2.54 1.28 -7.33
CA VAL A 378 2.67 1.61 -8.74
C VAL A 378 3.83 0.82 -9.37
N ALA A 379 4.92 0.70 -8.64
CA ALA A 379 6.08 -0.04 -9.11
C ALA A 379 5.69 -1.52 -9.19
N ALA A 380 4.96 -1.97 -8.17
CA ALA A 380 4.50 -3.36 -8.10
C ALA A 380 3.68 -3.73 -9.33
N GLN A 381 2.71 -2.90 -9.67
CA GLN A 381 1.86 -3.16 -10.83
C GLN A 381 2.64 -3.03 -12.14
N LEU A 382 3.71 -2.25 -12.12
CA LEU A 382 4.54 -2.10 -13.31
C LEU A 382 5.35 -3.38 -13.49
N LEU A 383 5.71 -4.02 -12.38
CA LEU A 383 6.45 -5.27 -12.45
C LEU A 383 5.53 -6.41 -12.89
N PHE A 384 4.26 -6.32 -12.51
CA PHE A 384 3.30 -7.34 -12.86
C PHE A 384 3.10 -7.26 -14.38
N ASP A 385 2.88 -6.05 -14.89
CA ASP A 385 2.68 -5.89 -16.32
C ASP A 385 3.89 -6.28 -17.14
N ALA A 386 5.08 -6.12 -16.57
CA ALA A 386 6.31 -6.46 -17.27
C ALA A 386 6.40 -7.97 -17.44
N VAL A 387 6.28 -8.67 -16.32
CA VAL A 387 6.32 -10.13 -16.26
C VAL A 387 5.36 -10.80 -17.25
N SER A 388 4.20 -10.19 -17.46
CA SER A 388 3.22 -10.73 -18.38
C SER A 388 3.62 -10.44 -19.82
N LEU A 389 3.64 -9.16 -20.20
CA LEU A 389 4.02 -8.79 -21.56
C LEU A 389 5.29 -9.53 -22.00
N GLU A 390 6.44 -9.18 -21.43
CA GLU A 390 7.72 -9.81 -21.80
C GLU A 390 7.76 -11.34 -21.67
N MET B 1 -19.74 17.46 9.98
CA MET B 1 -19.71 16.78 11.31
C MET B 1 -18.56 15.78 11.40
N ARG B 2 -18.44 15.13 12.55
CA ARG B 2 -17.40 14.13 12.76
C ARG B 2 -18.08 12.78 12.99
N VAL B 3 -17.74 11.82 12.14
CA VAL B 3 -18.31 10.49 12.25
C VAL B 3 -17.22 9.45 12.40
N LEU B 4 -17.45 8.51 13.31
CA LEU B 4 -16.51 7.42 13.54
C LEU B 4 -17.05 6.19 12.80
N ILE B 5 -16.19 5.58 12.01
CA ILE B 5 -16.56 4.40 11.23
C ILE B 5 -15.66 3.25 11.66
N THR B 6 -16.19 2.32 12.44
CA THR B 6 -15.40 1.20 12.92
C THR B 6 -15.76 -0.09 12.21
N GLY B 7 -14.91 -1.09 12.36
CA GLY B 7 -15.17 -2.37 11.74
C GLY B 7 -14.01 -3.29 11.91
N CYS B 8 -14.28 -4.58 12.01
CA CYS B 8 -13.25 -5.58 12.15
C CYS B 8 -13.63 -6.77 11.28
N GLY B 9 -12.87 -6.99 10.21
CA GLY B 9 -13.16 -8.10 9.31
C GLY B 9 -12.31 -8.06 8.05
N SER B 10 -12.67 -8.91 7.08
CA SER B 10 -11.97 -9.02 5.81
C SER B 10 -12.13 -7.81 4.89
N ARG B 11 -11.44 -7.86 3.76
CA ARG B 11 -11.47 -6.76 2.80
C ARG B 11 -12.86 -6.58 2.18
N GLY B 12 -13.60 -7.68 2.03
CA GLY B 12 -14.92 -7.59 1.45
C GLY B 12 -15.91 -6.74 2.23
N ASP B 13 -15.94 -6.92 3.54
CA ASP B 13 -16.86 -6.13 4.36
C ASP B 13 -16.22 -4.89 4.96
N THR B 14 -14.93 -4.66 4.70
CA THR B 14 -14.27 -3.47 5.23
C THR B 14 -14.14 -2.36 4.18
N GLU B 15 -13.86 -2.74 2.94
CA GLU B 15 -13.74 -1.76 1.88
C GLU B 15 -14.94 -0.83 1.79
N PRO B 16 -16.17 -1.35 2.07
CA PRO B 16 -17.32 -0.45 1.98
C PRO B 16 -17.19 0.71 2.98
N LEU B 17 -16.73 0.40 4.19
CA LEU B 17 -16.56 1.40 5.23
C LEU B 17 -15.58 2.49 4.79
N VAL B 18 -14.48 2.08 4.18
CA VAL B 18 -13.49 3.04 3.69
C VAL B 18 -14.13 3.92 2.62
N ALA B 19 -15.11 3.39 1.89
CA ALA B 19 -15.79 4.13 0.83
C ALA B 19 -16.77 5.15 1.37
N LEU B 20 -17.45 4.80 2.47
CA LEU B 20 -18.42 5.70 3.09
C LEU B 20 -17.62 6.86 3.67
N ALA B 21 -16.54 6.51 4.36
CA ALA B 21 -15.64 7.48 4.98
C ALA B 21 -15.08 8.48 3.95
N ALA B 22 -14.43 7.96 2.92
CA ALA B 22 -13.88 8.82 1.89
C ALA B 22 -14.97 9.72 1.30
N ARG B 23 -16.19 9.22 1.24
CA ARG B 23 -17.28 10.00 0.67
C ARG B 23 -17.72 11.09 1.63
N LEU B 24 -17.83 10.72 2.90
CA LEU B 24 -18.24 11.67 3.93
C LEU B 24 -17.24 12.84 3.94
N ARG B 25 -15.98 12.54 3.65
CA ARG B 25 -14.99 13.60 3.60
C ARG B 25 -15.27 14.46 2.38
N GLU B 26 -15.42 13.85 1.20
CA GLU B 26 -15.70 14.64 -0.02
C GLU B 26 -16.87 15.61 0.22
N LEU B 27 -17.69 15.32 1.22
CA LEU B 27 -18.83 16.15 1.56
C LEU B 27 -18.51 17.04 2.76
N GLY B 28 -17.22 17.24 3.00
CA GLY B 28 -16.79 18.07 4.11
C GLY B 28 -17.30 17.62 5.46
N ALA B 29 -16.88 16.43 5.88
CA ALA B 29 -17.27 15.90 7.18
C ALA B 29 -16.04 15.19 7.73
N ASP B 30 -15.66 15.50 8.95
CA ASP B 30 -14.50 14.89 9.57
C ASP B 30 -14.86 13.46 9.94
N ALA B 31 -14.57 12.54 9.04
CA ALA B 31 -14.87 11.14 9.28
C ALA B 31 -13.57 10.41 9.56
N ARG B 32 -13.54 9.71 10.68
CA ARG B 32 -12.35 8.96 11.09
C ARG B 32 -12.74 7.49 11.15
N MET B 33 -11.74 6.61 11.11
CA MET B 33 -12.00 5.18 11.17
C MET B 33 -11.24 4.41 12.24
N CYS B 34 -11.86 3.31 12.70
CA CYS B 34 -11.27 2.41 13.68
C CYS B 34 -11.21 1.02 13.01
N LEU B 35 -10.05 0.64 12.51
CA LEU B 35 -9.94 -0.66 11.82
C LEU B 35 -8.75 -1.51 12.27
N PRO B 36 -8.75 -2.80 11.88
CA PRO B 36 -7.62 -3.63 12.27
C PRO B 36 -6.35 -3.03 11.67
N PRO B 37 -5.20 -3.25 12.30
CA PRO B 37 -3.93 -2.70 11.81
C PRO B 37 -3.66 -2.91 10.33
N ASP B 38 -3.92 -4.09 9.80
CA ASP B 38 -3.66 -4.34 8.40
C ASP B 38 -4.39 -3.47 7.36
N TYR B 39 -4.96 -2.33 7.76
CA TYR B 39 -5.64 -1.45 6.81
C TYR B 39 -5.05 -0.05 6.69
N VAL B 40 -3.94 0.20 7.41
CA VAL B 40 -3.28 1.52 7.40
C VAL B 40 -2.85 1.93 6.01
N GLU B 41 -2.20 1.00 5.31
CA GLU B 41 -1.75 1.21 3.96
C GLU B 41 -2.93 1.74 3.16
N ARG B 42 -4.03 0.98 3.20
CA ARG B 42 -5.24 1.32 2.47
C ARG B 42 -5.73 2.73 2.81
N CYS B 43 -6.01 2.99 4.08
CA CYS B 43 -6.50 4.30 4.49
C CYS B 43 -5.53 5.40 4.10
N ALA B 44 -4.28 5.00 3.84
CA ALA B 44 -3.25 5.94 3.44
C ALA B 44 -3.48 6.35 1.99
N GLU B 45 -3.54 5.35 1.10
CA GLU B 45 -3.75 5.55 -0.33
C GLU B 45 -5.12 6.11 -0.71
N VAL B 46 -5.92 6.45 0.30
CA VAL B 46 -7.26 7.01 0.12
C VAL B 46 -7.38 8.27 0.97
N GLY B 47 -6.49 8.38 1.94
CA GLY B 47 -6.49 9.53 2.82
C GLY B 47 -7.63 9.63 3.80
N VAL B 48 -7.69 8.70 4.74
CA VAL B 48 -8.75 8.75 5.74
C VAL B 48 -8.11 8.49 7.11
N PRO B 49 -8.26 9.45 8.02
CA PRO B 49 -7.70 9.32 9.37
C PRO B 49 -8.16 8.01 9.99
N MET B 50 -7.22 7.11 10.24
CA MET B 50 -7.55 5.82 10.79
C MET B 50 -6.65 5.39 11.95
N VAL B 51 -7.27 5.03 13.06
CA VAL B 51 -6.56 4.58 14.25
C VAL B 51 -6.70 3.05 14.40
N PRO B 52 -5.58 2.31 14.29
CA PRO B 52 -5.54 0.84 14.40
C PRO B 52 -6.17 0.29 15.69
N VAL B 53 -6.60 -0.96 15.66
CA VAL B 53 -7.20 -1.61 16.83
C VAL B 53 -7.21 -3.13 16.75
N GLY B 54 -6.71 -3.77 17.80
CA GLY B 54 -6.68 -5.23 17.86
C GLY B 54 -5.72 -5.95 16.92
N ARG B 55 -5.80 -7.27 16.95
CA ARG B 55 -4.95 -8.10 16.12
C ARG B 55 -5.29 -7.80 14.66
N ALA B 56 -4.38 -8.16 13.75
CA ALA B 56 -4.60 -7.94 12.33
C ALA B 56 -5.45 -9.06 11.72
N VAL B 57 -6.30 -8.71 10.76
CA VAL B 57 -7.13 -9.73 10.14
C VAL B 57 -6.32 -10.67 9.22
N ARG B 58 -5.51 -10.08 8.33
CA ARG B 58 -4.69 -10.85 7.39
C ARG B 58 -3.61 -11.67 8.09
N ALA B 59 -3.75 -13.00 8.06
CA ALA B 59 -2.79 -13.90 8.69
C ALA B 59 -1.35 -13.46 8.50
N GLY B 60 -1.00 -13.12 7.25
CA GLY B 60 0.35 -12.68 6.96
C GLY B 60 0.82 -11.54 7.84
N ALA B 61 0.08 -10.43 7.84
CA ALA B 61 0.43 -9.26 8.63
C ALA B 61 0.39 -9.56 10.13
N ARG B 62 0.31 -10.81 10.50
CA ARG B 62 0.21 -11.16 11.89
C ARG B 62 1.43 -11.92 12.37
N GLU B 63 1.77 -11.72 13.64
CA GLU B 63 2.93 -12.37 14.26
C GLU B 63 2.87 -13.89 14.14
N PRO B 64 4.04 -14.56 14.06
CA PRO B 64 4.20 -16.03 13.93
C PRO B 64 2.96 -16.91 14.19
N GLY B 65 2.65 -17.13 15.47
CA GLY B 65 1.49 -17.96 15.82
C GLY B 65 0.42 -17.19 16.57
N GLU B 66 0.24 -15.93 16.17
CA GLU B 66 -0.73 -15.03 16.79
C GLU B 66 -2.15 -15.21 16.24
N LEU B 67 -3.04 -15.73 17.09
CA LEU B 67 -4.43 -15.96 16.70
C LEU B 67 -5.07 -14.74 16.07
N PRO B 68 -6.08 -14.94 15.21
CA PRO B 68 -6.79 -13.84 14.53
C PRO B 68 -7.87 -13.24 15.46
N PRO B 69 -8.34 -12.02 15.17
CA PRO B 69 -9.35 -11.40 16.03
C PRO B 69 -10.69 -12.11 16.14
N GLY B 70 -10.89 -13.15 15.35
CA GLY B 70 -12.14 -13.88 15.40
C GLY B 70 -12.01 -15.15 16.23
N ALA B 71 -10.79 -15.41 16.69
CA ALA B 71 -10.49 -16.58 17.51
C ALA B 71 -11.25 -16.58 18.83
N ALA B 72 -11.91 -17.69 19.13
CA ALA B 72 -12.66 -17.82 20.38
C ALA B 72 -11.75 -17.53 21.57
N GLU B 73 -10.54 -18.05 21.55
CA GLU B 73 -9.60 -17.85 22.64
C GLU B 73 -9.17 -16.40 22.86
N VAL B 74 -9.80 -15.44 22.18
CA VAL B 74 -9.41 -14.05 22.39
C VAL B 74 -10.58 -13.07 22.30
N VAL B 75 -11.80 -13.60 22.49
CA VAL B 75 -12.99 -12.77 22.44
C VAL B 75 -12.83 -11.70 23.50
N THR B 76 -12.51 -12.16 24.70
CA THR B 76 -12.32 -11.29 25.85
C THR B 76 -11.26 -10.23 25.57
N GLU B 77 -10.15 -10.62 24.96
CA GLU B 77 -9.09 -9.67 24.64
C GLU B 77 -9.67 -8.66 23.65
N VAL B 78 -10.49 -9.17 22.73
CA VAL B 78 -11.12 -8.35 21.71
C VAL B 78 -12.01 -7.32 22.36
N VAL B 79 -12.89 -7.78 23.25
CA VAL B 79 -13.79 -6.89 23.96
C VAL B 79 -13.00 -5.80 24.66
N ALA B 80 -12.05 -6.21 25.49
CA ALA B 80 -11.21 -5.28 26.24
C ALA B 80 -10.41 -4.35 25.33
N GLU B 81 -9.72 -4.91 24.36
CA GLU B 81 -8.93 -4.11 23.45
C GLU B 81 -9.76 -2.98 22.86
N TRP B 82 -10.92 -3.33 22.29
CA TRP B 82 -11.77 -2.31 21.70
C TRP B 82 -12.24 -1.32 22.75
N PHE B 83 -12.97 -1.81 23.74
CA PHE B 83 -13.47 -0.95 24.81
C PHE B 83 -12.39 0.00 25.34
N ASP B 84 -11.13 -0.35 25.09
CA ASP B 84 -10.01 0.44 25.56
C ASP B 84 -9.58 1.56 24.59
N LYS B 85 -9.22 1.19 23.36
CA LYS B 85 -8.74 2.15 22.36
C LYS B 85 -9.81 3.00 21.62
N VAL B 86 -11.06 2.59 21.70
CA VAL B 86 -12.14 3.31 21.03
C VAL B 86 -12.46 4.69 21.60
N PRO B 87 -12.40 4.86 22.93
CA PRO B 87 -12.70 6.17 23.55
C PRO B 87 -11.91 7.34 22.96
N ALA B 88 -10.62 7.15 22.76
CA ALA B 88 -9.82 8.23 22.20
C ALA B 88 -10.39 8.66 20.86
N ALA B 89 -10.54 7.69 19.95
CA ALA B 89 -11.04 7.93 18.59
C ALA B 89 -12.46 8.48 18.47
N ILE B 90 -13.37 8.04 19.33
CA ILE B 90 -14.75 8.51 19.27
C ILE B 90 -14.92 9.81 20.07
N GLU B 91 -13.83 10.57 20.16
CA GLU B 91 -13.77 11.84 20.91
C GLU B 91 -14.86 12.86 20.55
N GLY B 92 -14.65 13.59 19.46
CA GLY B 92 -15.62 14.57 19.07
C GLY B 92 -16.46 14.02 17.93
N CYS B 93 -17.33 13.06 18.25
CA CYS B 93 -18.17 12.43 17.23
C CYS B 93 -19.67 12.48 17.54
N ASP B 94 -20.46 12.71 16.51
CA ASP B 94 -21.90 12.80 16.66
C ASP B 94 -22.65 11.61 16.06
N ALA B 95 -21.91 10.67 15.47
CA ALA B 95 -22.49 9.47 14.86
C ALA B 95 -21.45 8.37 14.67
N VAL B 96 -21.88 7.11 14.76
CA VAL B 96 -21.00 5.95 14.59
C VAL B 96 -21.58 4.91 13.62
N VAL B 97 -20.78 4.48 12.65
CA VAL B 97 -21.22 3.45 11.71
C VAL B 97 -20.29 2.26 11.83
N THR B 98 -20.87 1.08 12.08
CA THR B 98 -20.10 -0.15 12.27
C THR B 98 -20.57 -1.35 11.42
N THR B 99 -19.66 -2.30 11.25
CA THR B 99 -19.91 -3.54 10.51
C THR B 99 -18.89 -4.55 11.02
N GLY B 100 -19.16 -5.84 10.86
CA GLY B 100 -18.19 -6.83 11.28
C GLY B 100 -18.32 -7.41 12.67
N LEU B 101 -17.25 -8.06 13.12
CA LEU B 101 -17.14 -8.71 14.42
C LEU B 101 -18.10 -8.17 15.49
N LEU B 102 -19.03 -9.03 15.92
CA LEU B 102 -20.03 -8.66 16.91
C LEU B 102 -19.42 -8.16 18.20
N PRO B 103 -18.44 -8.88 18.77
CA PRO B 103 -17.81 -8.43 20.02
C PRO B 103 -17.39 -6.95 19.93
N ALA B 104 -16.62 -6.61 18.90
CA ALA B 104 -16.17 -5.24 18.72
C ALA B 104 -17.37 -4.33 18.45
N ALA B 105 -18.41 -4.88 17.84
CA ALA B 105 -19.59 -4.07 17.56
C ALA B 105 -20.25 -3.69 18.88
N VAL B 106 -20.50 -4.67 19.73
CA VAL B 106 -21.12 -4.41 21.01
C VAL B 106 -20.28 -3.41 21.81
N ALA B 107 -18.98 -3.51 21.67
CA ALA B 107 -18.09 -2.62 22.39
C ALA B 107 -18.31 -1.20 21.93
N VAL B 108 -18.33 -1.01 20.62
CA VAL B 108 -18.51 0.33 20.05
C VAL B 108 -19.88 0.91 20.36
N ARG B 109 -20.92 0.09 20.28
CA ARG B 109 -22.25 0.61 20.54
C ARG B 109 -22.34 1.24 21.93
N SER B 110 -21.54 0.72 22.86
CA SER B 110 -21.54 1.23 24.23
C SER B 110 -20.95 2.63 24.37
N MET B 111 -19.85 2.89 23.67
CA MET B 111 -19.24 4.23 23.72
C MET B 111 -20.25 5.20 23.13
N ALA B 112 -21.03 4.71 22.17
CA ALA B 112 -22.03 5.53 21.51
C ALA B 112 -23.11 5.83 22.53
N GLU B 113 -23.45 4.84 23.33
CA GLU B 113 -24.48 5.00 24.36
C GLU B 113 -23.96 5.99 25.41
N LYS B 114 -22.83 5.68 26.03
CA LYS B 114 -22.25 6.55 27.03
C LYS B 114 -22.25 7.97 26.52
N LEU B 115 -21.68 8.18 25.33
CA LEU B 115 -21.61 9.52 24.75
C LEU B 115 -22.94 10.04 24.20
N GLY B 116 -24.00 9.23 24.30
CA GLY B 116 -25.32 9.62 23.82
C GLY B 116 -25.53 9.90 22.33
N ILE B 117 -24.59 9.47 21.48
CA ILE B 117 -24.70 9.67 20.04
C ILE B 117 -25.33 8.48 19.29
N PRO B 118 -25.84 8.73 18.07
CA PRO B 118 -26.46 7.65 17.27
C PRO B 118 -25.47 6.63 16.68
N TYR B 119 -25.89 5.37 16.68
CA TYR B 119 -25.07 4.26 16.18
C TYR B 119 -25.79 3.46 15.10
N ARG B 120 -25.09 3.19 14.01
CA ARG B 120 -25.66 2.41 12.92
C ARG B 120 -24.81 1.17 12.56
N TYR B 121 -25.47 0.02 12.46
CA TYR B 121 -24.76 -1.20 12.08
C TYR B 121 -25.20 -1.54 10.66
N THR B 122 -24.23 -1.88 9.81
CA THR B 122 -24.55 -2.20 8.43
C THR B 122 -24.16 -3.61 8.05
N VAL B 123 -24.92 -4.20 7.14
CA VAL B 123 -24.65 -5.55 6.63
C VAL B 123 -24.55 -5.40 5.12
N LEU B 124 -23.84 -6.31 4.47
CA LEU B 124 -23.69 -6.19 3.02
C LEU B 124 -24.71 -6.89 2.12
N SER B 125 -25.47 -7.85 2.65
CA SER B 125 -26.52 -8.53 1.85
C SER B 125 -27.76 -8.79 2.70
N PRO B 126 -28.93 -8.95 2.05
CA PRO B 126 -30.19 -9.21 2.77
C PRO B 126 -30.19 -10.52 3.57
N ASP B 127 -29.40 -11.49 3.13
CA ASP B 127 -29.31 -12.78 3.83
C ASP B 127 -28.94 -12.54 5.28
N HIS B 128 -28.02 -11.59 5.49
CA HIS B 128 -27.51 -11.25 6.81
C HIS B 128 -28.44 -10.36 7.64
N LEU B 129 -29.68 -10.19 7.20
CA LEU B 129 -30.62 -9.38 7.95
C LEU B 129 -31.24 -10.19 9.06
N PRO B 130 -31.35 -9.61 10.28
CA PRO B 130 -31.94 -10.32 11.41
C PRO B 130 -33.35 -10.74 11.06
N SER B 131 -34.05 -9.86 10.33
CA SER B 131 -35.40 -10.11 9.91
C SER B 131 -35.56 -11.25 8.90
N GLU B 132 -34.46 -11.69 8.31
CA GLU B 132 -34.52 -12.80 7.35
C GLU B 132 -34.17 -14.11 8.01
N GLN B 133 -34.08 -14.09 9.33
CA GLN B 133 -33.75 -15.27 10.11
C GLN B 133 -34.99 -15.68 10.90
N SER B 134 -35.02 -16.92 11.39
CA SER B 134 -36.16 -17.40 12.17
C SER B 134 -36.08 -16.87 13.59
N GLN B 135 -37.23 -16.69 14.22
CA GLN B 135 -37.24 -16.20 15.59
C GLN B 135 -36.35 -17.08 16.46
N ALA B 136 -36.31 -18.37 16.17
CA ALA B 136 -35.50 -19.28 16.97
C ALA B 136 -34.02 -19.05 16.67
N GLU B 137 -33.70 -18.93 15.40
CA GLU B 137 -32.33 -18.72 15.00
C GLU B 137 -31.79 -17.49 15.71
N ARG B 138 -32.60 -16.44 15.77
CA ARG B 138 -32.20 -15.21 16.44
C ARG B 138 -31.90 -15.49 17.91
N ASP B 139 -32.58 -16.48 18.47
CA ASP B 139 -32.38 -16.81 19.87
C ASP B 139 -31.05 -17.53 20.08
N MET B 140 -30.61 -18.32 19.11
CA MET B 140 -29.34 -19.02 19.22
C MET B 140 -28.22 -17.99 19.14
N TYR B 141 -28.38 -17.04 18.23
CA TYR B 141 -27.39 -15.99 18.06
C TYR B 141 -27.15 -15.24 19.37
N ASN B 142 -28.23 -14.71 19.95
CA ASN B 142 -28.17 -13.96 21.21
C ASN B 142 -27.66 -14.82 22.37
N GLN B 143 -28.11 -16.06 22.41
CA GLN B 143 -27.68 -16.95 23.46
C GLN B 143 -26.19 -17.19 23.36
N GLY B 144 -25.76 -17.68 22.20
CA GLY B 144 -24.35 -17.95 21.98
C GLY B 144 -23.49 -16.71 22.15
N ALA B 145 -24.00 -15.59 21.65
CA ALA B 145 -23.28 -14.33 21.75
C ALA B 145 -23.07 -13.98 23.21
N ASP B 146 -24.15 -14.06 23.99
CA ASP B 146 -24.09 -13.74 25.41
C ASP B 146 -23.21 -14.72 26.14
N ARG B 147 -23.40 -16.00 25.86
CA ARG B 147 -22.61 -17.05 26.48
C ARG B 147 -21.11 -16.97 26.15
N LEU B 148 -20.76 -16.29 25.06
CA LEU B 148 -19.36 -16.18 24.62
C LEU B 148 -18.60 -14.96 25.10
N PHE B 149 -19.20 -13.78 25.05
CA PHE B 149 -18.52 -12.57 25.52
C PHE B 149 -19.40 -11.67 26.39
N GLY B 150 -20.57 -12.17 26.76
CA GLY B 150 -21.50 -11.41 27.58
C GLY B 150 -20.94 -10.81 28.86
N ASP B 151 -20.32 -11.64 29.68
CA ASP B 151 -19.73 -11.19 30.94
C ASP B 151 -18.72 -10.09 30.69
N ALA B 152 -17.76 -10.33 29.79
CA ALA B 152 -16.73 -9.35 29.47
C ALA B 152 -17.34 -8.01 29.06
N VAL B 153 -18.44 -8.06 28.33
CA VAL B 153 -19.12 -6.86 27.88
C VAL B 153 -19.68 -6.07 29.06
N ASN B 154 -20.54 -6.72 29.83
CA ASN B 154 -21.16 -6.07 30.99
C ASN B 154 -20.17 -5.58 32.05
N SER B 155 -18.99 -6.20 32.07
CA SER B 155 -17.95 -5.82 33.02
C SER B 155 -17.33 -4.48 32.64
N HIS B 156 -17.24 -4.20 31.35
CA HIS B 156 -16.67 -2.93 30.90
C HIS B 156 -17.75 -1.87 30.80
N ARG B 157 -19.00 -2.31 30.69
CA ARG B 157 -20.09 -1.35 30.62
C ARG B 157 -20.22 -0.82 32.03
N ALA B 158 -20.12 -1.72 33.00
CA ALA B 158 -20.20 -1.36 34.39
C ALA B 158 -18.97 -0.50 34.71
N SER B 159 -17.80 -1.03 34.38
CA SER B 159 -16.54 -0.33 34.63
C SER B 159 -16.48 1.04 33.98
N ILE B 160 -17.61 1.57 33.52
CA ILE B 160 -17.61 2.89 32.91
C ILE B 160 -18.93 3.66 33.04
N GLY B 161 -19.92 3.04 33.68
CA GLY B 161 -21.18 3.73 33.86
C GLY B 161 -22.42 3.04 33.36
N LEU B 162 -22.40 2.60 32.11
CA LEU B 162 -23.57 1.96 31.51
C LEU B 162 -24.05 0.70 32.27
N PRO B 163 -25.37 0.43 32.23
CA PRO B 163 -25.99 -0.73 32.90
C PRO B 163 -25.83 -2.03 32.08
N PRO B 164 -25.96 -3.19 32.73
CA PRO B 164 -25.81 -4.47 32.04
C PRO B 164 -26.87 -4.74 30.95
N VAL B 165 -26.40 -5.29 29.83
CA VAL B 165 -27.27 -5.62 28.70
C VAL B 165 -27.31 -7.12 28.48
N GLU B 166 -28.37 -7.57 27.81
CA GLU B 166 -28.58 -8.97 27.48
C GLU B 166 -28.99 -8.98 25.99
N HIS B 167 -28.75 -10.09 25.29
CA HIS B 167 -29.08 -10.18 23.86
C HIS B 167 -28.10 -9.36 23.03
N LEU B 168 -26.81 -9.69 23.15
CA LEU B 168 -25.76 -8.98 22.44
C LEU B 168 -25.84 -9.02 20.92
N TYR B 169 -26.58 -9.98 20.38
CA TYR B 169 -26.74 -10.06 18.94
C TYR B 169 -27.71 -8.96 18.52
N ASP B 170 -28.82 -8.85 19.24
CA ASP B 170 -29.79 -7.81 18.92
C ASP B 170 -29.17 -6.45 19.22
N TYR B 171 -28.37 -6.41 20.28
CA TYR B 171 -27.74 -5.16 20.68
C TYR B 171 -26.77 -4.63 19.65
N GLY B 172 -25.90 -5.49 19.14
CA GLY B 172 -24.92 -5.06 18.14
C GLY B 172 -25.48 -4.84 16.74
N TYR B 173 -26.38 -5.72 16.30
CA TYR B 173 -26.93 -5.55 14.96
C TYR B 173 -27.97 -4.47 14.88
N THR B 174 -28.58 -4.12 16.01
CA THR B 174 -29.61 -3.09 16.02
C THR B 174 -30.94 -3.67 15.55
N ASP B 175 -32.05 -3.06 15.97
CA ASP B 175 -33.38 -3.53 15.56
C ASP B 175 -33.48 -3.58 14.04
N GLN B 176 -32.92 -2.55 13.42
CA GLN B 176 -32.96 -2.44 11.98
C GLN B 176 -31.62 -2.03 11.41
N PRO B 177 -30.72 -2.99 11.21
CA PRO B 177 -29.40 -2.72 10.65
C PRO B 177 -29.50 -2.18 9.23
N TRP B 178 -28.56 -1.33 8.86
CA TRP B 178 -28.53 -0.76 7.53
C TRP B 178 -28.04 -1.84 6.55
N LEU B 179 -28.53 -1.78 5.31
CA LEU B 179 -28.11 -2.73 4.29
C LEU B 179 -27.45 -1.96 3.17
N ALA B 180 -26.12 -2.05 3.09
CA ALA B 180 -25.38 -1.34 2.04
C ALA B 180 -25.16 -2.28 0.84
N ALA B 181 -26.23 -2.55 0.10
CA ALA B 181 -26.21 -3.41 -1.08
C ALA B 181 -27.13 -2.74 -2.10
N ASP B 182 -26.93 -3.03 -3.39
CA ASP B 182 -27.78 -2.43 -4.42
C ASP B 182 -29.16 -3.11 -4.45
N PRO B 183 -30.24 -2.31 -4.52
CA PRO B 183 -31.60 -2.85 -4.55
C PRO B 183 -31.94 -3.72 -5.74
N VAL B 184 -31.23 -3.59 -6.85
CA VAL B 184 -31.54 -4.42 -8.00
C VAL B 184 -30.91 -5.80 -7.90
N LEU B 185 -29.65 -5.86 -7.45
CA LEU B 185 -28.94 -7.12 -7.31
C LEU B 185 -29.30 -7.81 -6.01
N SER B 186 -29.49 -7.02 -4.96
CA SER B 186 -29.80 -7.57 -3.66
C SER B 186 -31.09 -6.98 -3.16
N PRO B 187 -32.19 -7.25 -3.85
CA PRO B 187 -33.49 -6.69 -3.44
C PRO B 187 -33.95 -7.20 -2.08
N LEU B 188 -34.69 -6.37 -1.36
CA LEU B 188 -35.21 -6.75 -0.06
C LEU B 188 -36.31 -7.79 -0.27
N ARG B 189 -36.56 -8.62 0.73
CA ARG B 189 -37.63 -9.61 0.61
C ARG B 189 -38.87 -8.99 1.30
N PRO B 190 -40.05 -9.61 1.14
CA PRO B 190 -41.27 -9.07 1.75
C PRO B 190 -41.25 -9.04 3.28
N THR B 191 -40.19 -9.60 3.87
CA THR B 191 -40.06 -9.63 5.33
C THR B 191 -39.11 -8.56 5.87
N ASP B 192 -38.49 -7.81 4.97
CA ASP B 192 -37.54 -6.78 5.36
C ASP B 192 -37.99 -5.36 5.04
N LEU B 193 -39.30 -5.16 4.85
CA LEU B 193 -39.77 -3.83 4.50
C LEU B 193 -39.36 -2.71 5.47
N GLY B 194 -39.34 -2.99 6.76
CA GLY B 194 -38.94 -1.95 7.71
C GLY B 194 -37.44 -1.65 7.70
N THR B 195 -36.72 -2.17 6.71
CA THR B 195 -35.27 -1.98 6.61
C THR B 195 -34.86 -0.87 5.64
N VAL B 196 -33.75 -0.21 5.94
CA VAL B 196 -33.24 0.87 5.10
C VAL B 196 -32.09 0.42 4.21
N GLN B 197 -32.32 0.50 2.91
CA GLN B 197 -31.32 0.10 1.92
C GLN B 197 -30.81 1.34 1.21
N THR B 198 -29.54 1.65 1.44
CA THR B 198 -28.91 2.85 0.86
C THR B 198 -28.39 2.69 -0.56
N GLY B 199 -27.88 1.50 -0.85
CA GLY B 199 -27.30 1.22 -2.16
C GLY B 199 -25.94 0.70 -1.78
N ALA B 200 -25.23 0.09 -2.73
CA ALA B 200 -23.91 -0.42 -2.42
C ALA B 200 -22.95 0.73 -2.19
N TRP B 201 -21.97 0.54 -1.30
CA TRP B 201 -20.99 1.57 -1.05
C TRP B 201 -19.71 1.15 -1.76
N ILE B 202 -19.45 1.76 -2.90
CA ILE B 202 -18.25 1.43 -3.65
C ILE B 202 -17.43 2.69 -3.82
N LEU B 203 -16.11 2.53 -3.71
CA LEU B 203 -15.20 3.65 -3.85
C LEU B 203 -15.00 3.94 -5.35
N PRO B 204 -15.10 5.21 -5.76
CA PRO B 204 -14.92 5.56 -7.18
C PRO B 204 -13.51 5.19 -7.65
N ASP B 205 -13.37 4.79 -8.91
CA ASP B 205 -12.06 4.44 -9.41
C ASP B 205 -11.70 5.34 -10.58
N GLU B 206 -10.68 6.15 -10.39
CA GLU B 206 -10.23 7.11 -11.38
C GLU B 206 -9.09 6.59 -12.24
N ARG B 207 -8.34 5.62 -11.71
CA ARG B 207 -7.20 5.04 -12.41
C ARG B 207 -7.52 4.77 -13.87
N PRO B 208 -6.59 5.12 -14.76
CA PRO B 208 -6.82 4.88 -16.18
C PRO B 208 -6.30 3.49 -16.53
N LEU B 209 -6.57 3.02 -17.75
CA LEU B 209 -6.09 1.71 -18.16
C LEU B 209 -4.68 1.91 -18.71
N SER B 210 -3.79 0.96 -18.45
CA SER B 210 -2.42 1.07 -18.95
C SER B 210 -2.39 1.24 -20.47
N ALA B 211 -1.29 1.76 -20.99
CA ALA B 211 -1.15 1.97 -22.43
C ALA B 211 -1.17 0.64 -23.20
N GLU B 212 -0.56 -0.40 -22.62
CA GLU B 212 -0.54 -1.70 -23.27
C GLU B 212 -1.96 -2.22 -23.45
N LEU B 213 -2.72 -2.28 -22.36
CA LEU B 213 -4.10 -2.75 -22.41
C LEU B 213 -4.90 -1.91 -23.39
N GLU B 214 -4.76 -0.59 -23.30
CA GLU B 214 -5.47 0.28 -24.22
C GLU B 214 -5.12 -0.17 -25.62
N ALA B 215 -3.84 -0.48 -25.82
CA ALA B 215 -3.32 -0.94 -27.11
C ALA B 215 -3.99 -2.23 -27.55
N PHE B 216 -4.09 -3.18 -26.61
CA PHE B 216 -4.71 -4.48 -26.86
C PHE B 216 -6.16 -4.28 -27.26
N LEU B 217 -6.93 -3.66 -26.36
CA LEU B 217 -8.35 -3.42 -26.63
C LEU B 217 -8.55 -2.84 -28.03
N ALA B 218 -7.88 -1.75 -28.32
CA ALA B 218 -7.96 -1.08 -29.60
C ALA B 218 -7.57 -2.01 -30.75
N ALA B 219 -6.51 -2.77 -30.56
CA ALA B 219 -5.98 -3.69 -31.58
C ALA B 219 -6.86 -4.82 -32.09
N GLY B 220 -8.18 -4.78 -31.86
CA GLY B 220 -9.01 -5.87 -32.35
C GLY B 220 -10.44 -5.95 -31.83
N SER B 221 -11.05 -7.13 -31.98
CA SER B 221 -12.42 -7.34 -31.54
C SER B 221 -12.56 -7.33 -30.02
N THR B 222 -13.66 -6.73 -29.55
CA THR B 222 -13.92 -6.65 -28.11
C THR B 222 -13.72 -8.00 -27.47
N PRO B 223 -12.83 -8.08 -26.47
CA PRO B 223 -12.53 -9.32 -25.75
C PRO B 223 -13.56 -9.63 -24.66
N VAL B 224 -13.39 -10.80 -24.05
CA VAL B 224 -14.28 -11.26 -22.98
C VAL B 224 -13.44 -11.32 -21.72
N TYR B 225 -14.01 -10.89 -20.61
CA TYR B 225 -13.29 -10.92 -19.35
C TYR B 225 -13.52 -12.24 -18.65
N VAL B 226 -12.44 -12.80 -18.10
CA VAL B 226 -12.47 -14.04 -17.35
C VAL B 226 -11.70 -13.74 -16.08
N GLY B 227 -12.37 -13.88 -14.95
CA GLY B 227 -11.74 -13.59 -13.68
C GLY B 227 -12.47 -14.32 -12.58
N PHE B 228 -11.74 -15.09 -11.79
CA PHE B 228 -12.37 -15.85 -10.73
C PHE B 228 -11.91 -15.48 -9.32
N GLY B 229 -11.26 -14.33 -9.19
CA GLY B 229 -10.83 -13.90 -7.89
C GLY B 229 -9.41 -14.27 -7.52
N SER B 230 -9.10 -14.07 -6.25
CA SER B 230 -7.76 -14.36 -5.75
C SER B 230 -7.64 -15.76 -5.13
N SER B 231 -8.67 -16.58 -5.27
CA SER B 231 -8.62 -17.93 -4.73
C SER B 231 -7.55 -18.74 -5.43
N SER B 232 -6.63 -19.29 -4.66
CA SER B 232 -5.54 -20.13 -5.16
C SER B 232 -6.03 -21.58 -5.24
N ARG B 233 -7.28 -21.78 -4.80
CA ARG B 233 -7.92 -23.08 -4.82
C ARG B 233 -7.75 -23.72 -6.20
N PRO B 234 -7.22 -24.96 -6.27
CA PRO B 234 -7.00 -25.69 -7.53
C PRO B 234 -8.16 -25.62 -8.51
N ALA B 235 -9.38 -25.80 -8.01
CA ALA B 235 -10.57 -25.75 -8.85
C ALA B 235 -10.68 -24.41 -9.57
N THR B 236 -10.40 -23.33 -8.85
CA THR B 236 -10.49 -22.00 -9.43
C THR B 236 -9.62 -21.88 -10.69
N ALA B 237 -8.44 -22.47 -10.64
CA ALA B 237 -7.52 -22.41 -11.77
C ALA B 237 -8.09 -23.23 -12.92
N ASP B 238 -8.71 -24.36 -12.61
CA ASP B 238 -9.28 -25.20 -13.65
C ASP B 238 -10.43 -24.47 -14.35
N ALA B 239 -11.26 -23.79 -13.57
CA ALA B 239 -12.40 -23.05 -14.09
C ALA B 239 -11.90 -21.94 -15.01
N ALA B 240 -10.84 -21.27 -14.58
CA ALA B 240 -10.26 -20.21 -15.38
C ALA B 240 -9.80 -20.83 -16.69
N LYS B 241 -9.05 -21.93 -16.59
CA LYS B 241 -8.52 -22.62 -17.75
C LYS B 241 -9.66 -23.06 -18.69
N MET B 242 -10.74 -23.57 -18.12
CA MET B 242 -11.89 -24.00 -18.89
C MET B 242 -12.60 -22.81 -19.57
N ALA B 243 -12.54 -21.64 -18.93
CA ALA B 243 -13.17 -20.45 -19.48
C ALA B 243 -12.36 -19.88 -20.64
N ILE B 244 -11.04 -19.91 -20.51
CA ILE B 244 -10.18 -19.42 -21.59
C ILE B 244 -10.61 -20.21 -22.83
N LYS B 245 -10.78 -21.52 -22.65
CA LYS B 245 -11.18 -22.43 -23.73
C LYS B 245 -12.56 -22.14 -24.29
N ALA B 246 -13.54 -21.88 -23.43
CA ALA B 246 -14.87 -21.59 -23.95
C ALA B 246 -14.83 -20.29 -24.76
N VAL B 247 -13.99 -19.36 -24.34
CA VAL B 247 -13.89 -18.08 -25.01
C VAL B 247 -13.19 -18.23 -26.36
N ARG B 248 -12.12 -19.03 -26.40
CA ARG B 248 -11.41 -19.27 -27.65
C ARG B 248 -12.36 -20.01 -28.59
N ALA B 249 -13.01 -21.05 -28.06
CA ALA B 249 -13.96 -21.81 -28.85
C ALA B 249 -15.00 -20.91 -29.52
N SER B 250 -15.19 -19.71 -28.99
CA SER B 250 -16.16 -18.76 -29.56
C SER B 250 -15.48 -17.71 -30.41
N GLY B 251 -14.21 -17.94 -30.75
CA GLY B 251 -13.47 -17.00 -31.57
C GLY B 251 -13.48 -15.61 -30.99
N ARG B 252 -13.03 -15.49 -29.76
CA ARG B 252 -13.01 -14.22 -29.06
C ARG B 252 -11.72 -14.03 -28.31
N ARG B 253 -11.29 -12.79 -28.16
CA ARG B 253 -10.07 -12.51 -27.42
C ARG B 253 -10.37 -12.50 -25.94
N ILE B 254 -9.34 -12.55 -25.10
CA ILE B 254 -9.53 -12.60 -23.66
C ILE B 254 -8.70 -11.59 -22.88
N VAL B 255 -9.29 -11.13 -21.78
CA VAL B 255 -8.61 -10.24 -20.86
C VAL B 255 -8.73 -11.07 -19.59
N LEU B 256 -7.65 -11.76 -19.26
CA LEU B 256 -7.60 -12.64 -18.10
C LEU B 256 -6.98 -12.02 -16.87
N SER B 257 -7.52 -12.43 -15.72
CA SER B 257 -7.09 -11.96 -14.42
C SER B 257 -6.11 -12.94 -13.75
N ARG B 258 -5.12 -12.41 -13.03
CA ARG B 258 -4.14 -13.26 -12.34
C ARG B 258 -3.70 -12.59 -11.04
N GLY B 259 -3.46 -13.37 -10.00
CA GLY B 259 -3.04 -12.80 -8.74
C GLY B 259 -1.55 -12.58 -8.62
N TRP B 260 -1.13 -11.87 -7.58
CA TRP B 260 0.29 -11.59 -7.37
C TRP B 260 1.07 -12.84 -6.98
N ALA B 261 0.36 -13.85 -6.51
CA ALA B 261 1.00 -15.08 -6.08
C ALA B 261 1.03 -16.20 -7.13
N ASP B 262 0.38 -15.99 -8.27
CA ASP B 262 0.36 -17.00 -9.32
C ASP B 262 1.68 -17.08 -10.08
N LEU B 263 1.96 -18.25 -10.65
CA LEU B 263 3.19 -18.45 -11.43
C LEU B 263 3.03 -17.73 -12.77
N VAL B 264 4.13 -17.30 -13.36
CA VAL B 264 4.05 -16.60 -14.65
C VAL B 264 3.46 -17.52 -15.71
N LEU B 265 2.68 -16.95 -16.63
CA LEU B 265 2.05 -17.74 -17.69
C LEU B 265 3.02 -18.05 -18.83
N PRO B 266 3.23 -19.35 -19.12
CA PRO B 266 4.12 -19.87 -20.17
C PRO B 266 4.15 -19.05 -21.47
N ASP B 267 2.97 -18.75 -21.99
CA ASP B 267 2.84 -17.96 -23.22
C ASP B 267 1.38 -17.59 -23.42
N ASP B 268 1.12 -16.59 -24.25
CA ASP B 268 -0.24 -16.15 -24.52
C ASP B 268 -0.45 -15.76 -25.96
N GLY B 269 -1.28 -16.51 -26.67
CA GLY B 269 -1.56 -16.15 -28.05
C GLY B 269 -1.92 -14.68 -27.99
N ALA B 270 -1.55 -13.91 -29.01
CA ALA B 270 -1.86 -12.49 -29.02
C ALA B 270 -3.33 -12.16 -28.78
N ASP B 271 -4.14 -13.15 -28.44
CA ASP B 271 -5.56 -12.90 -28.20
C ASP B 271 -5.92 -12.89 -26.71
N CYS B 272 -4.93 -13.18 -25.86
CA CYS B 272 -5.11 -13.18 -24.41
C CYS B 272 -4.20 -12.13 -23.77
N PHE B 273 -4.78 -11.29 -22.91
CA PHE B 273 -4.05 -10.23 -22.22
C PHE B 273 -4.22 -10.46 -20.72
N VAL B 274 -3.12 -10.70 -20.01
CA VAL B 274 -3.19 -10.92 -18.56
C VAL B 274 -3.26 -9.56 -17.91
N VAL B 275 -4.15 -9.41 -16.94
CA VAL B 275 -4.32 -8.14 -16.25
C VAL B 275 -4.37 -8.32 -14.72
N GLY B 276 -3.67 -7.45 -13.99
CA GLY B 276 -3.64 -7.58 -12.54
C GLY B 276 -4.53 -6.58 -11.81
N GLU B 277 -3.91 -5.70 -11.02
CA GLU B 277 -4.64 -4.68 -10.26
C GLU B 277 -5.21 -3.65 -11.22
N VAL B 278 -6.15 -4.06 -12.07
CA VAL B 278 -6.76 -3.15 -13.03
C VAL B 278 -8.01 -2.51 -12.46
N ASN B 279 -8.45 -1.43 -13.11
CA ASN B 279 -9.67 -0.72 -12.74
C ASN B 279 -10.80 -1.48 -13.42
N LEU B 280 -11.50 -2.32 -12.66
CA LEU B 280 -12.60 -3.10 -13.20
C LEU B 280 -13.78 -2.24 -13.67
N GLN B 281 -13.95 -1.08 -13.05
CA GLN B 281 -15.05 -0.18 -13.43
C GLN B 281 -14.88 0.24 -14.87
N GLU B 282 -13.69 0.70 -15.21
CA GLU B 282 -13.40 1.14 -16.56
C GLU B 282 -13.26 -0.03 -17.55
N LEU B 283 -12.73 -1.17 -17.11
CA LEU B 283 -12.53 -2.33 -17.98
C LEU B 283 -13.81 -3.04 -18.38
N PHE B 284 -14.70 -3.26 -17.42
CA PHE B 284 -15.96 -3.91 -17.73
C PHE B 284 -16.68 -3.16 -18.84
N GLY B 285 -16.51 -1.84 -18.87
CA GLY B 285 -17.15 -1.06 -19.90
C GLY B 285 -16.41 -1.15 -21.22
N ARG B 286 -15.47 -2.08 -21.32
CA ARG B 286 -14.67 -2.23 -22.53
C ARG B 286 -14.72 -3.66 -23.05
N VAL B 287 -15.50 -4.51 -22.39
CA VAL B 287 -15.59 -5.90 -22.83
C VAL B 287 -17.01 -6.36 -23.22
N ALA B 288 -17.11 -7.50 -23.91
CA ALA B 288 -18.40 -8.02 -24.37
C ALA B 288 -19.21 -8.76 -23.32
N ALA B 289 -18.51 -9.43 -22.41
CA ALA B 289 -19.16 -10.19 -21.34
C ALA B 289 -18.12 -10.53 -20.30
N ALA B 290 -18.56 -11.05 -19.15
CA ALA B 290 -17.62 -11.40 -18.10
C ALA B 290 -17.97 -12.78 -17.58
N ILE B 291 -16.96 -13.64 -17.47
CA ILE B 291 -17.12 -14.98 -16.94
C ILE B 291 -16.43 -14.85 -15.62
N HIS B 292 -17.14 -15.09 -14.52
CA HIS B 292 -16.51 -14.96 -13.24
C HIS B 292 -17.21 -15.77 -12.16
N HIS B 293 -16.67 -15.71 -10.95
CA HIS B 293 -17.20 -16.44 -9.82
C HIS B 293 -18.38 -15.73 -9.17
N ASP B 294 -19.01 -16.45 -8.24
CA ASP B 294 -20.19 -15.96 -7.54
C ASP B 294 -19.83 -14.92 -6.47
N SER B 295 -19.51 -13.71 -6.90
CA SER B 295 -19.13 -12.61 -6.02
C SER B 295 -19.88 -11.30 -6.29
N ALA B 296 -20.53 -10.78 -5.25
CA ALA B 296 -21.31 -9.55 -5.32
C ALA B 296 -20.53 -8.37 -5.92
N GLY B 297 -19.29 -8.20 -5.48
CA GLY B 297 -18.47 -7.11 -5.98
C GLY B 297 -18.32 -7.13 -7.49
N THR B 298 -17.87 -8.26 -8.01
CA THR B 298 -17.69 -8.36 -9.45
C THR B 298 -19.04 -8.36 -10.17
N THR B 299 -20.02 -9.06 -9.62
CA THR B 299 -21.33 -9.09 -10.23
C THR B 299 -21.91 -7.68 -10.41
N LEU B 300 -21.81 -6.86 -9.37
CA LEU B 300 -22.35 -5.51 -9.45
C LEU B 300 -21.61 -4.66 -10.46
N LEU B 301 -20.29 -4.66 -10.37
CA LEU B 301 -19.49 -3.89 -11.32
C LEU B 301 -19.92 -4.25 -12.73
N ALA B 302 -20.09 -5.55 -12.99
CA ALA B 302 -20.51 -5.99 -14.31
C ALA B 302 -21.92 -5.49 -14.64
N MET B 303 -22.83 -5.57 -13.67
CA MET B 303 -24.19 -5.10 -13.90
C MET B 303 -24.25 -3.60 -14.16
N ARG B 304 -23.43 -2.83 -13.46
CA ARG B 304 -23.42 -1.38 -13.67
C ARG B 304 -22.94 -1.10 -15.07
N ALA B 305 -21.98 -1.91 -15.49
CA ALA B 305 -21.36 -1.81 -16.80
C ALA B 305 -22.34 -2.19 -17.91
N GLY B 306 -23.30 -3.06 -17.61
CA GLY B 306 -24.25 -3.45 -18.62
C GLY B 306 -23.69 -4.47 -19.61
N ILE B 307 -22.89 -5.41 -19.11
CA ILE B 307 -22.35 -6.44 -19.98
C ILE B 307 -22.92 -7.75 -19.51
N PRO B 308 -23.19 -8.69 -20.44
CA PRO B 308 -23.75 -9.98 -20.07
C PRO B 308 -22.71 -10.68 -19.23
N GLN B 309 -23.14 -11.59 -18.38
CA GLN B 309 -22.18 -12.27 -17.55
C GLN B 309 -22.49 -13.72 -17.27
N ILE B 310 -21.43 -14.50 -17.11
CA ILE B 310 -21.54 -15.92 -16.80
C ILE B 310 -20.95 -16.10 -15.41
N VAL B 311 -21.78 -16.59 -14.49
CA VAL B 311 -21.34 -16.80 -13.12
C VAL B 311 -21.33 -18.28 -12.74
N VAL B 312 -20.19 -18.75 -12.27
CA VAL B 312 -20.02 -20.14 -11.85
C VAL B 312 -20.40 -20.16 -10.37
N ARG B 313 -21.51 -20.80 -10.02
CA ARG B 313 -21.94 -20.80 -8.62
C ARG B 313 -21.17 -21.66 -7.64
N ARG B 314 -21.15 -21.17 -6.41
CA ARG B 314 -20.46 -21.82 -5.29
C ARG B 314 -21.07 -23.18 -4.99
N VAL B 315 -20.24 -24.13 -4.60
CA VAL B 315 -20.71 -25.49 -4.27
C VAL B 315 -21.82 -25.96 -5.22
N ALA B 323 -24.88 -19.93 -4.40
CA ALA B 323 -25.48 -19.77 -5.72
C ALA B 323 -26.36 -18.52 -5.80
N TYR B 324 -26.31 -17.68 -4.76
CA TYR B 324 -27.10 -16.46 -4.69
C TYR B 324 -27.03 -15.54 -5.92
N HIS B 325 -25.94 -14.80 -6.06
CA HIS B 325 -25.79 -13.87 -7.19
C HIS B 325 -25.88 -14.55 -8.54
N ALA B 326 -25.26 -15.72 -8.66
CA ALA B 326 -25.27 -16.46 -9.90
C ALA B 326 -26.68 -16.40 -10.47
N ASP B 327 -27.63 -16.86 -9.65
CA ASP B 327 -29.04 -16.90 -10.01
C ASP B 327 -29.74 -15.54 -10.17
N ARG B 328 -29.27 -14.52 -9.48
CA ARG B 328 -29.91 -13.20 -9.62
C ARG B 328 -29.65 -12.72 -11.03
N VAL B 329 -28.50 -13.12 -11.57
CA VAL B 329 -28.12 -12.77 -12.92
C VAL B 329 -29.11 -13.36 -13.92
N ALA B 330 -29.52 -14.60 -13.67
CA ALA B 330 -30.48 -15.26 -14.57
C ALA B 330 -31.91 -14.77 -14.32
N GLU B 331 -32.22 -14.48 -13.06
CA GLU B 331 -33.53 -13.95 -12.69
C GLU B 331 -33.75 -12.65 -13.49
N LEU B 332 -32.71 -11.82 -13.54
CA LEU B 332 -32.76 -10.58 -14.28
C LEU B 332 -32.66 -10.83 -15.79
N GLY B 333 -32.24 -12.05 -16.16
CA GLY B 333 -32.13 -12.40 -17.56
C GLY B 333 -31.02 -11.63 -18.26
N VAL B 334 -30.00 -11.31 -17.48
CA VAL B 334 -28.85 -10.53 -17.92
C VAL B 334 -27.59 -11.38 -18.08
N GLY B 335 -27.65 -12.60 -17.58
CA GLY B 335 -26.51 -13.49 -17.70
C GLY B 335 -26.94 -14.94 -17.51
N VAL B 336 -25.97 -15.81 -17.26
CA VAL B 336 -26.27 -17.21 -17.09
C VAL B 336 -25.44 -17.80 -15.96
N ALA B 337 -26.10 -18.61 -15.13
CA ALA B 337 -25.42 -19.24 -14.01
C ALA B 337 -25.01 -20.66 -14.37
N VAL B 338 -23.80 -20.82 -14.90
CA VAL B 338 -23.31 -22.16 -15.22
C VAL B 338 -22.95 -22.66 -13.82
N ASP B 339 -22.67 -23.94 -13.60
CA ASP B 339 -22.36 -24.31 -12.23
C ASP B 339 -21.26 -25.33 -11.99
N GLY B 340 -21.16 -25.78 -10.75
CA GLY B 340 -20.17 -26.78 -10.35
C GLY B 340 -18.80 -26.16 -10.27
N PRO B 341 -17.92 -26.67 -9.38
CA PRO B 341 -16.57 -26.12 -9.24
C PRO B 341 -15.95 -25.90 -10.61
N VAL B 342 -15.87 -26.96 -11.40
CA VAL B 342 -15.30 -26.84 -12.74
C VAL B 342 -16.34 -27.19 -13.78
N PRO B 343 -16.98 -26.16 -14.38
CA PRO B 343 -17.98 -26.47 -15.39
C PRO B 343 -17.28 -27.09 -16.60
N THR B 344 -18.05 -27.72 -17.47
CA THR B 344 -17.50 -28.35 -18.67
C THR B 344 -17.36 -27.34 -19.80
N ILE B 345 -16.58 -27.70 -20.82
CA ILE B 345 -16.36 -26.82 -21.96
C ILE B 345 -17.71 -26.62 -22.64
N ASP B 346 -18.51 -27.67 -22.65
CA ASP B 346 -19.82 -27.58 -23.28
C ASP B 346 -20.72 -26.66 -22.48
N SER B 347 -20.66 -26.78 -21.17
CA SER B 347 -21.46 -25.98 -20.27
C SER B 347 -21.14 -24.49 -20.39
N LEU B 348 -19.85 -24.17 -20.33
CA LEU B 348 -19.38 -22.79 -20.43
C LEU B 348 -19.55 -22.27 -21.84
N SER B 349 -19.57 -23.17 -22.82
CA SER B 349 -19.70 -22.77 -24.21
C SER B 349 -21.14 -22.43 -24.58
N ALA B 350 -22.08 -23.13 -23.99
CA ALA B 350 -23.49 -22.86 -24.25
C ALA B 350 -23.89 -21.57 -23.54
N ALA B 351 -23.29 -21.34 -22.37
CA ALA B 351 -23.58 -20.13 -21.59
C ALA B 351 -23.07 -18.93 -22.36
N LEU B 352 -21.84 -19.03 -22.84
CA LEU B 352 -21.24 -17.94 -23.59
C LEU B 352 -22.08 -17.62 -24.82
N ASP B 353 -22.53 -18.66 -25.52
CA ASP B 353 -23.35 -18.46 -26.70
C ASP B 353 -24.59 -17.68 -26.37
N THR B 354 -25.12 -17.86 -25.16
CA THR B 354 -26.29 -17.12 -24.73
C THR B 354 -25.89 -15.69 -24.36
N ALA B 355 -24.83 -15.59 -23.57
CA ALA B 355 -24.31 -14.30 -23.13
C ALA B 355 -24.03 -13.39 -24.29
N LEU B 356 -23.37 -13.91 -25.32
CA LEU B 356 -23.03 -13.09 -26.47
C LEU B 356 -24.18 -12.78 -27.43
N ALA B 357 -25.38 -13.24 -27.09
CA ALA B 357 -26.57 -13.01 -27.91
C ALA B 357 -27.04 -11.56 -27.80
N PRO B 358 -27.30 -10.91 -28.94
CA PRO B 358 -27.76 -9.52 -28.91
C PRO B 358 -28.87 -9.23 -27.89
N GLU B 359 -29.88 -10.08 -27.82
CA GLU B 359 -31.00 -9.88 -26.90
C GLU B 359 -30.56 -9.85 -25.44
N ILE B 360 -29.53 -10.63 -25.12
CA ILE B 360 -29.02 -10.68 -23.75
C ILE B 360 -28.24 -9.39 -23.51
N ARG B 361 -27.45 -8.95 -24.49
CA ARG B 361 -26.69 -7.73 -24.34
C ARG B 361 -27.67 -6.56 -24.13
N ALA B 362 -28.79 -6.59 -24.84
CA ALA B 362 -29.78 -5.53 -24.71
C ALA B 362 -30.38 -5.55 -23.34
N ARG B 363 -30.56 -6.75 -22.80
CA ARG B 363 -31.13 -6.86 -21.47
C ARG B 363 -30.16 -6.39 -20.40
N ALA B 364 -28.89 -6.70 -20.57
CA ALA B 364 -27.86 -6.28 -19.64
C ALA B 364 -27.80 -4.75 -19.66
N THR B 365 -28.00 -4.18 -20.85
CA THR B 365 -27.99 -2.73 -21.00
C THR B 365 -29.18 -2.09 -20.30
N THR B 366 -30.38 -2.65 -20.51
CA THR B 366 -31.58 -2.14 -19.85
C THR B 366 -31.38 -2.20 -18.33
N VAL B 367 -30.90 -3.31 -17.82
CA VAL B 367 -30.68 -3.46 -16.39
C VAL B 367 -29.77 -2.37 -15.83
N ALA B 368 -28.60 -2.19 -16.43
CA ALA B 368 -27.66 -1.19 -15.97
C ALA B 368 -28.31 0.20 -15.87
N ASP B 369 -29.27 0.49 -16.74
CA ASP B 369 -29.94 1.78 -16.67
C ASP B 369 -30.73 1.93 -15.39
N THR B 370 -30.87 0.83 -14.63
CA THR B 370 -31.64 0.88 -13.40
C THR B 370 -30.79 0.79 -12.15
N ILE B 371 -29.47 0.64 -12.31
CA ILE B 371 -28.61 0.54 -11.13
C ILE B 371 -28.07 1.86 -10.60
N ARG B 372 -28.14 1.99 -9.28
CA ARG B 372 -27.69 3.17 -8.50
C ARG B 372 -26.18 3.23 -8.30
N ALA B 373 -25.65 4.44 -8.15
CA ALA B 373 -24.22 4.61 -7.91
C ALA B 373 -24.01 5.64 -6.80
N ASP B 374 -25.06 5.86 -6.01
CA ASP B 374 -25.03 6.86 -4.95
C ASP B 374 -25.26 6.35 -3.52
N GLY B 375 -24.94 5.09 -3.26
CA GLY B 375 -25.14 4.52 -1.93
C GLY B 375 -24.48 5.34 -0.82
N THR B 376 -23.18 5.59 -0.94
CA THR B 376 -22.44 6.36 0.06
C THR B 376 -23.04 7.75 0.31
N THR B 377 -23.59 8.38 -0.72
CA THR B 377 -24.20 9.68 -0.54
C THR B 377 -25.54 9.54 0.19
N VAL B 378 -26.32 8.52 -0.19
CA VAL B 378 -27.59 8.28 0.47
C VAL B 378 -27.29 7.96 1.92
N ALA B 379 -26.22 7.20 2.13
CA ALA B 379 -25.82 6.84 3.49
C ALA B 379 -25.53 8.14 4.23
N ALA B 380 -24.70 8.99 3.63
CA ALA B 380 -24.34 10.27 4.21
C ALA B 380 -25.56 11.09 4.61
N GLN B 381 -26.48 11.26 3.67
CA GLN B 381 -27.69 12.02 3.96
C GLN B 381 -28.44 11.45 5.16
N LEU B 382 -28.37 10.13 5.37
CA LEU B 382 -29.07 9.51 6.49
C LEU B 382 -28.36 9.85 7.78
N LEU B 383 -27.03 9.81 7.76
CA LEU B 383 -26.21 10.12 8.92
C LEU B 383 -26.44 11.58 9.34
N PHE B 384 -26.38 12.48 8.37
CA PHE B 384 -26.61 13.90 8.63
C PHE B 384 -27.94 14.12 9.33
N ASP B 385 -29.00 13.55 8.79
CA ASP B 385 -30.31 13.70 9.41
C ASP B 385 -30.35 13.10 10.81
N ALA B 386 -29.57 12.04 11.02
CA ALA B 386 -29.51 11.35 12.31
C ALA B 386 -29.02 12.31 13.38
N VAL B 387 -27.83 12.86 13.15
CA VAL B 387 -27.23 13.80 14.07
C VAL B 387 -28.17 14.98 14.29
N SER B 388 -28.76 15.46 13.21
CA SER B 388 -29.68 16.60 13.25
C SER B 388 -31.00 16.36 14.01
N LEU B 389 -31.21 15.16 14.53
CA LEU B 389 -32.45 14.90 15.26
C LEU B 389 -32.22 14.12 16.54
N GLU B 390 -31.04 13.54 16.69
CA GLU B 390 -30.76 12.78 17.90
C GLU B 390 -29.72 13.46 18.80
N LYS B 391 -28.85 14.28 18.20
CA LYS B 391 -27.87 15.02 19.00
C LYS B 391 -28.43 16.43 19.24
N MLU C 1 -19.98 -20.97 18.29
CN MLU C 1 -21.46 -21.01 18.02
CA MLU C 1 -19.27 -19.68 17.94
C MLU C 1 -19.95 -18.51 18.68
O MLU C 1 -20.12 -18.55 19.88
CB MLU C 1 -17.80 -19.73 18.32
CG MLU C 1 -16.76 -19.19 17.32
CD1 MLU C 1 -15.63 -18.56 18.12
CD2 MLU C 1 -17.31 -18.17 16.41
N OMZ C 2 -20.33 -17.46 17.92
CA OMZ C 2 -21.02 -16.36 18.55
C OMZ C 2 -20.45 -14.94 18.15
O OMZ C 2 -21.09 -13.94 18.49
CB OMZ C 2 -22.61 -16.46 18.35
OC OMZ C 2 -23.03 -17.78 18.68
CG OMZ C 2 -23.03 -16.24 16.94
CD1 OMZ C 2 -23.52 -14.97 16.58
CD2 OMZ C 2 -22.81 -17.22 15.92
CE1 OMZ C 2 -23.77 -14.67 15.25
CL OMZ C 2 -24.27 -13.07 14.86
CE2 OMZ C 2 -23.05 -16.92 14.58
CZ OMZ C 2 -23.51 -15.64 14.25
OH OMZ C 2 -23.56 -15.20 12.93
N ASN C 3 -19.27 -14.88 17.47
CA ASN C 3 -18.64 -13.58 17.11
C ASN C 3 -18.77 -13.07 15.64
N GHP C 4 -18.90 -13.92 14.66
CA GHP C 4 -18.97 -13.42 13.26
C GHP C 4 -17.68 -13.78 12.56
O GHP C 4 -17.16 -14.88 12.64
C1 GHP C 4 -20.15 -13.89 12.42
C2 GHP C 4 -20.14 -13.81 11.03
C3 GHP C 4 -21.19 -14.34 10.23
C4 GHP C 4 -22.30 -14.98 10.85
O4 GHP C 4 -23.36 -15.58 10.11
C5 GHP C 4 -22.31 -15.02 12.28
C6 GHP C 4 -21.24 -14.49 13.01
N GHP C 5 -17.20 -12.77 11.81
CA GHP C 5 -16.03 -12.91 11.01
C GHP C 5 -16.09 -11.73 9.99
O GHP C 5 -16.56 -10.68 10.38
C1 GHP C 5 -14.58 -12.91 11.57
C2 GHP C 5 -13.75 -13.96 11.17
C3 GHP C 5 -12.36 -13.99 11.44
C4 GHP C 5 -11.80 -12.90 12.15
O4 GHP C 5 -10.45 -12.88 12.34
C5 GHP C 5 -12.64 -11.84 12.60
C6 GHP C 5 -14.03 -11.84 12.33
N OMY C 6 -15.69 -11.86 8.72
CA OMY C 6 -15.18 -12.97 8.02
OCZ OMY C 6 -21.22 -14.18 8.83
CE2 OMY C 6 -19.71 -12.72 7.63
CE1 OMY C 6 -18.97 -15.00 8.07
CZ OMY C 6 -19.99 -14.01 8.13
CG OMY C 6 -17.42 -13.42 7.07
CD2 OMY C 6 -18.44 -12.43 7.10
CD1 OMY C 6 -17.70 -14.71 7.54
CB OMY C 6 -15.98 -13.12 6.64
CL OMY C 6 -19.26 -16.64 8.62
O OMY C 6 -13.14 -11.82 7.36
C OMY C 6 -13.64 -12.83 7.88
ODE OMY C 6 -15.87 -11.93 5.92
N 3FG C 7 -12.94 -13.79 8.51
OD1 3FG C 7 -11.43 -16.24 12.99
CD1 3FG C 7 -11.12 -16.20 11.69
CG1 3FG C 7 -11.51 -15.11 10.85
CZ 3FG C 7 -10.32 -17.26 11.19
CD2 3FG C 7 -9.90 -17.28 9.85
OD2 3FG C 7 -9.16 -18.25 9.32
CG2 3FG C 7 -10.27 -16.19 8.98
CB 3FG C 7 -11.06 -15.11 9.45
CA 3FG C 7 -11.48 -13.92 8.52
C 3FG C 7 -10.78 -13.86 7.09
O 3FG C 7 -9.50 -13.90 7.17
OXT 3FG C 7 -11.46 -13.80 6.08
C2 BGC D . -25.20 -15.41 8.62
C3 BGC D . -26.45 -14.64 8.21
C4 BGC D . -27.19 -14.13 9.49
C5 BGC D . -26.18 -13.40 10.36
C6 BGC D . -26.71 -12.97 11.60
C1 BGC D . -24.36 -14.68 9.62
O2 BGC D . -24.44 -15.64 7.42
O3 BGC D . -27.33 -15.41 7.42
O4 BGC D . -28.23 -13.24 9.15
O5 BGC D . -25.15 -14.29 10.71
O6 BGC D . -27.70 -12.27 11.81
C1 RER D . -24.57 -16.95 6.83
C2 RER D . -24.02 -16.95 5.39
C3 RER D . -22.50 -16.82 5.30
N3 RER D . -22.13 -17.24 4.09
C3A RER D . -22.08 -15.38 5.49
C4 RER D . -21.80 -17.70 6.33
O4 RER D . -21.78 -19.04 5.86
C5 RER D . -22.44 -17.62 7.72
O5 RER D . -23.85 -17.92 7.63
C5A RER D . -21.85 -18.61 8.71
PA TYD E . 18.19 9.28 2.93
O1A TYD E . 17.35 9.29 1.70
O2A TYD E . 18.48 10.57 3.61
O3A TYD E . 19.63 8.67 2.47
PB TYD E . 21.15 8.77 3.03
O1B TYD E . 21.86 7.47 2.66
O2B TYD E . 20.96 8.94 4.53
O3B TYD E . 21.75 9.98 2.36
O5' TYD E . 17.49 8.31 4.01
C5' TYD E . 17.13 6.97 3.66
C4' TYD E . 16.09 6.42 4.61
O4' TYD E . 16.60 6.13 5.92
C3' TYD E . 14.91 7.33 4.93
O3' TYD E . 13.92 7.26 3.91
C2' TYD E . 14.34 6.73 6.22
C1' TYD E . 15.49 5.86 6.76
N1 TYD E . 15.84 6.08 8.17
C2 TYD E . 15.05 5.45 9.11
O2 TYD E . 13.97 4.92 8.83
N3 TYD E . 15.53 5.49 10.40
C4 TYD E . 16.69 6.07 10.84
O4 TYD E . 16.99 6.01 12.02
C5 TYD E . 17.47 6.73 9.81
C5M TYD E . 18.75 7.41 10.21
C6 TYD E . 17.03 6.69 8.55
#